data_3IT5
#
_entry.id   3IT5
#
_cell.length_a   105.818
_cell.length_b   34.079
_cell.length_c   105.837
_cell.angle_alpha   90.000
_cell.angle_beta   102.040
_cell.angle_gamma   90.000
#
_symmetry.space_group_name_H-M   'P 1 21 1'
#
loop_
_entity.id
_entity.type
_entity.pdbx_description
1 polymer 'Protease lasA'
2 non-polymer 'ZINC ION'
3 water water
#
_entity_poly.entity_id   1
_entity_poly.type   'polypeptide(L)'
_entity_poly.pdbx_seq_one_letter_code
;APPSNLMQLPWRQGYSWQPNGAHSNTGSGYPYSSFDASYDWPRWGSATYSVVAAHAGTVRVLSRCQVRVTHPSGWATNYY
HMDQIQVSNGQQVSADTKLGVYAGNINTALCEGGSSTGPHLHFSLLYNGAFVSLQGASFGPYRINVGTSNYDNDCRRYYF
YNQSAGTTHCAFRPLYNPGLAL
;
_entity_poly.pdbx_strand_id   A,B,E,G
#
loop_
_chem_comp.id
_chem_comp.type
_chem_comp.name
_chem_comp.formula
ZN non-polymer 'ZINC ION' 'Zn 2'
#
# COMPACT_ATOMS: atom_id res chain seq x y z
N ALA A 1 -22.93 32.56 30.96
CA ALA A 1 -21.96 32.11 29.92
C ALA A 1 -21.55 33.29 29.04
N PRO A 2 -20.32 33.81 29.23
CA PRO A 2 -19.89 35.06 28.61
C PRO A 2 -19.94 34.99 27.08
N PRO A 3 -20.23 36.12 26.40
CA PRO A 3 -20.19 36.11 24.94
C PRO A 3 -18.82 35.63 24.45
N SER A 4 -18.83 34.74 23.46
CA SER A 4 -17.63 34.09 22.95
C SER A 4 -16.61 35.04 22.31
N ASN A 5 -17.02 36.27 22.06
CA ASN A 5 -16.18 37.31 21.45
C ASN A 5 -15.78 38.42 22.43
N LEU A 6 -16.05 38.20 23.72
CA LEU A 6 -15.81 39.21 24.75
C LEU A 6 -14.40 39.17 25.33
N MET A 7 -13.84 37.96 25.42
CA MET A 7 -12.59 37.75 26.14
C MET A 7 -11.49 37.04 25.37
N GLN A 8 -10.26 37.49 25.61
CA GLN A 8 -9.05 36.79 25.21
C GLN A 8 -8.35 36.28 26.47
N LEU A 9 -7.26 35.53 26.31
CA LEU A 9 -6.44 35.08 27.43
C LEU A 9 -5.68 36.26 28.06
N PRO A 10 -5.47 36.22 29.40
CA PRO A 10 -4.88 37.36 30.13
C PRO A 10 -3.36 37.51 30.02
N TRP A 11 -2.82 37.30 28.82
CA TRP A 11 -1.44 37.68 28.50
C TRP A 11 -1.38 38.27 27.10
N ARG A 12 -0.24 38.88 26.76
CA ARG A 12 -0.07 39.57 25.48
C ARG A 12 -0.42 38.70 24.28
N GLN A 13 -1.13 39.29 23.33
CA GLN A 13 -1.44 38.65 22.07
C GLN A 13 -0.15 38.26 21.34
N GLY A 14 -0.14 37.07 20.74
CA GLY A 14 1.04 36.59 20.01
C GLY A 14 2.01 35.78 20.85
N TYR A 15 1.71 35.68 22.14
CA TYR A 15 2.57 34.96 23.09
C TYR A 15 1.83 33.80 23.76
N SER A 16 2.57 32.90 24.39
CA SER A 16 2.03 31.65 24.91
C SER A 16 2.47 31.39 26.35
N TRP A 17 1.50 31.18 27.23
CA TRP A 17 1.77 30.80 28.62
C TRP A 17 1.19 29.42 28.90
N GLN A 18 1.62 28.82 30.00
CA GLN A 18 1.12 27.51 30.44
C GLN A 18 0.07 27.65 31.53
N PRO A 19 -1.18 27.24 31.25
CA PRO A 19 -2.21 27.27 32.29
C PRO A 19 -2.23 25.99 33.13
N ASN A 20 -2.79 26.07 34.33
CA ASN A 20 -3.03 24.89 35.16
C ASN A 20 -4.53 24.64 35.28
N GLY A 21 -4.91 23.61 36.04
CA GLY A 21 -6.31 23.22 36.18
C GLY A 21 -7.20 24.24 36.87
N ALA A 22 -8.47 24.24 36.48
CA ALA A 22 -9.46 25.14 37.06
C ALA A 22 -9.65 24.86 38.55
N HIS A 23 -9.89 25.94 39.29
CA HIS A 23 -10.08 25.85 40.73
C HIS A 23 -10.89 27.03 41.21
N SER A 24 -11.34 26.97 42.46
CA SER A 24 -12.03 28.10 43.07
C SER A 24 -10.99 29.14 43.42
N ASN A 25 -11.43 30.38 43.62
CA ASN A 25 -10.55 31.48 44.01
C ASN A 25 -9.65 31.12 45.20
N THR A 26 -10.21 30.35 46.14
CA THR A 26 -9.49 29.92 47.34
C THR A 26 -8.72 28.62 47.11
N GLY A 27 -8.99 27.99 45.98
CA GLY A 27 -8.40 26.69 45.65
C GLY A 27 -9.09 25.49 46.27
N SER A 28 -10.17 25.74 47.02
CA SER A 28 -10.86 24.65 47.71
C SER A 28 -12.28 24.37 47.24
N GLY A 29 -13.14 25.39 47.26
CA GLY A 29 -14.58 25.16 47.12
C GLY A 29 -15.14 25.12 45.71
N TYR A 30 -16.40 25.51 45.61
CA TYR A 30 -17.16 25.52 44.36
C TYR A 30 -17.76 26.93 44.22
N PRO A 31 -17.71 27.52 43.01
CA PRO A 31 -17.39 26.98 41.70
C PRO A 31 -15.94 27.12 41.24
N TYR A 32 -15.60 26.47 40.12
CA TYR A 32 -14.25 26.50 39.57
C TYR A 32 -14.09 27.74 38.68
N SER A 33 -13.88 28.87 39.35
CA SER A 33 -13.87 30.19 38.73
C SER A 33 -12.54 30.63 38.16
N SER A 34 -11.46 29.94 38.54
CA SER A 34 -10.11 30.42 38.28
C SER A 34 -9.21 29.41 37.60
N PHE A 35 -8.21 29.90 36.87
CA PHE A 35 -7.08 29.10 36.45
C PHE A 35 -5.80 29.92 36.51
N ASP A 36 -4.69 29.24 36.76
CA ASP A 36 -3.40 29.90 36.85
C ASP A 36 -2.68 29.77 35.52
N ALA A 37 -1.74 30.69 35.28
CA ALA A 37 -0.93 30.67 34.07
C ALA A 37 0.40 31.33 34.32
N SER A 38 1.45 30.72 33.76
CA SER A 38 2.79 31.25 33.86
C SER A 38 3.54 30.84 32.60
N TYR A 39 4.38 31.74 32.09
CA TYR A 39 5.18 31.43 30.91
C TYR A 39 5.94 30.12 31.11
N ASP A 40 6.70 30.02 32.21
CA ASP A 40 7.60 28.88 32.45
C ASP A 40 7.43 28.15 33.79
N TRP A 41 6.57 28.67 34.67
CA TRP A 41 6.37 28.13 36.04
C TRP A 41 7.68 27.92 36.84
N PRO A 42 8.42 29.02 37.08
CA PRO A 42 9.77 28.90 37.60
C PRO A 42 9.84 29.03 39.13
N ARG A 43 11.06 29.13 39.65
CA ARG A 43 11.28 29.40 41.07
C ARG A 43 11.09 30.89 41.35
N TRP A 44 10.91 31.26 42.61
CA TRP A 44 10.90 32.67 43.00
C TRP A 44 12.24 33.33 42.63
N GLY A 45 12.21 34.64 42.44
CA GLY A 45 13.39 35.39 42.03
C GLY A 45 13.68 35.27 40.55
N SER A 46 12.78 34.60 39.81
CA SER A 46 12.90 34.47 38.36
C SER A 46 12.24 35.63 37.61
N ALA A 47 12.54 35.70 36.31
CA ALA A 47 11.93 36.69 35.43
C ALA A 47 10.43 36.45 35.30
N THR A 48 9.66 37.53 35.31
CA THR A 48 8.20 37.42 35.17
C THR A 48 7.69 38.25 33.98
N TYR A 49 6.45 37.97 33.58
CA TYR A 49 5.95 38.48 32.31
C TYR A 49 4.63 39.24 32.42
N SER A 50 4.20 39.82 31.30
CA SER A 50 3.10 40.79 31.31
C SER A 50 1.72 40.16 31.38
N VAL A 51 0.93 40.60 32.37
CA VAL A 51 -0.49 40.27 32.44
C VAL A 51 -1.31 41.40 31.80
N VAL A 52 -2.21 41.04 30.88
CA VAL A 52 -3.05 42.02 30.20
C VAL A 52 -4.54 41.77 30.49
N ALA A 53 -5.34 42.81 30.31
CA ALA A 53 -6.79 42.71 30.45
C ALA A 53 -7.36 41.70 29.46
N ALA A 54 -8.19 40.79 29.98
CA ALA A 54 -8.82 39.78 29.16
C ALA A 54 -9.96 40.37 28.33
N HIS A 55 -10.42 41.56 28.72
CA HIS A 55 -11.53 42.23 28.05
C HIS A 55 -11.56 43.73 28.33
N ALA A 56 -12.43 44.42 27.59
CA ALA A 56 -12.76 45.82 27.82
C ALA A 56 -13.52 45.99 29.14
N GLY A 57 -13.27 47.10 29.81
CA GLY A 57 -13.97 47.43 31.04
C GLY A 57 -13.22 48.39 31.95
N THR A 58 -13.65 48.44 33.20
CA THR A 58 -13.10 49.40 34.17
C THR A 58 -12.17 48.72 35.18
N VAL A 59 -11.03 49.36 35.42
CA VAL A 59 -10.03 48.86 36.38
C VAL A 59 -10.35 49.29 37.81
N ARG A 60 -10.19 48.35 38.72
CA ARG A 60 -10.08 48.64 40.14
C ARG A 60 -8.74 48.09 40.62
N VAL A 61 -7.87 48.96 41.12
CA VAL A 61 -6.66 48.51 41.79
C VAL A 61 -6.96 48.32 43.28
N LEU A 62 -7.22 47.07 43.64
CA LEU A 62 -7.58 46.69 45.01
C LEU A 62 -6.39 46.75 45.96
N SER A 63 -5.20 46.50 45.42
CA SER A 63 -3.95 46.52 46.18
C SER A 63 -2.78 46.44 45.21
N ARG A 64 -1.55 46.53 45.72
CA ARG A 64 -0.33 46.42 44.91
C ARG A 64 -0.23 45.09 44.15
N CYS A 65 -1.03 44.10 44.56
CA CYS A 65 -0.95 42.76 43.99
C CYS A 65 -2.27 42.20 43.46
N GLN A 66 -3.29 43.05 43.33
CA GLN A 66 -4.60 42.61 42.84
C GLN A 66 -5.34 43.67 42.03
N VAL A 67 -5.94 43.23 40.92
CA VAL A 67 -6.64 44.07 39.95
C VAL A 67 -7.90 43.36 39.47
N ARG A 68 -8.96 44.12 39.25
CA ARG A 68 -10.20 43.62 38.65
C ARG A 68 -10.56 44.48 37.43
N VAL A 69 -10.99 43.84 36.35
CA VAL A 69 -11.48 44.54 35.17
C VAL A 69 -12.97 44.23 35.01
N THR A 70 -13.80 45.26 35.04
CA THR A 70 -15.24 45.10 35.08
C THR A 70 -15.92 45.69 33.84
N HIS A 71 -16.59 44.82 33.07
CA HIS A 71 -17.32 45.21 31.87
C HIS A 71 -18.70 45.77 32.25
N PRO A 72 -19.29 46.66 31.40
CA PRO A 72 -20.66 47.12 31.65
C PRO A 72 -21.70 45.99 31.70
N SER A 73 -21.39 44.84 31.11
CA SER A 73 -22.26 43.67 31.17
C SER A 73 -22.42 43.08 32.57
N GLY A 74 -21.50 43.43 33.47
CA GLY A 74 -21.43 42.80 34.78
C GLY A 74 -20.28 41.80 34.81
N TRP A 75 -20.08 41.13 33.68
CA TRP A 75 -18.96 40.21 33.49
C TRP A 75 -17.64 40.88 33.89
N ALA A 76 -16.86 40.18 34.71
CA ALA A 76 -15.62 40.75 35.22
C ALA A 76 -14.53 39.70 35.33
N THR A 77 -13.28 40.16 35.35
CA THR A 77 -12.15 39.27 35.55
C THR A 77 -11.29 39.75 36.71
N ASN A 78 -10.83 38.81 37.51
CA ASN A 78 -9.93 39.12 38.62
C ASN A 78 -8.51 38.64 38.35
N TYR A 79 -7.54 39.40 38.86
CA TYR A 79 -6.13 39.14 38.62
C TYR A 79 -5.39 39.26 39.94
N TYR A 80 -4.90 38.12 40.46
CA TYR A 80 -4.19 38.10 41.73
C TYR A 80 -2.78 37.61 41.51
N HIS A 81 -1.94 37.80 42.53
CA HIS A 81 -0.48 37.58 42.43
C HIS A 81 0.12 38.55 41.39
N MET A 82 -0.34 39.80 41.44
CA MET A 82 0.14 40.84 40.53
C MET A 82 1.29 41.63 41.15
N ASP A 83 2.01 42.37 40.30
CA ASP A 83 3.08 43.25 40.74
C ASP A 83 3.22 44.36 39.71
N GLN A 84 3.85 45.46 40.10
CA GLN A 84 4.19 46.56 39.19
C GLN A 84 2.96 47.02 38.40
N ILE A 85 1.87 47.23 39.13
CA ILE A 85 0.59 47.64 38.53
C ILE A 85 0.73 48.99 37.83
N GLN A 86 0.39 49.01 36.55
CA GLN A 86 0.55 50.21 35.73
C GLN A 86 -0.79 50.77 35.24
N VAL A 87 -1.87 50.43 35.93
CA VAL A 87 -3.19 51.01 35.66
C VAL A 87 -3.76 51.61 36.93
N SER A 88 -4.79 52.45 36.80
CA SER A 88 -5.36 53.18 37.93
C SER A 88 -6.85 52.91 38.14
N ASN A 89 -7.34 53.28 39.32
CA ASN A 89 -8.76 53.23 39.63
C ASN A 89 -9.57 54.08 38.66
N GLY A 90 -10.59 53.47 38.05
CA GLY A 90 -11.46 54.18 37.12
C GLY A 90 -10.95 54.17 35.68
N GLN A 91 -9.76 53.62 35.47
CA GLN A 91 -9.18 53.56 34.12
C GLN A 91 -9.91 52.56 33.24
N GLN A 92 -10.47 53.06 32.15
CA GLN A 92 -11.09 52.20 31.16
C GLN A 92 -9.98 51.60 30.29
N VAL A 93 -10.12 50.31 29.99
CA VAL A 93 -9.11 49.53 29.27
C VAL A 93 -9.77 48.60 28.25
N SER A 94 -8.98 48.10 27.31
CA SER A 94 -9.41 47.13 26.31
C SER A 94 -8.72 45.80 26.56
N ALA A 95 -9.21 44.73 25.94
CA ALA A 95 -8.46 43.49 25.90
C ALA A 95 -7.05 43.83 25.42
N ASP A 96 -6.06 43.24 26.09
CA ASP A 96 -4.64 43.37 25.71
C ASP A 96 -3.96 44.64 26.25
N THR A 97 -4.62 45.32 27.19
CA THR A 97 -3.99 46.44 27.90
C THR A 97 -3.15 45.90 29.05
N LYS A 98 -1.85 46.15 29.02
CA LYS A 98 -0.95 45.65 30.06
C LYS A 98 -1.32 46.21 31.43
N LEU A 99 -1.64 45.31 32.35
CA LEU A 99 -2.02 45.68 33.72
C LEU A 99 -0.82 45.72 34.65
N GLY A 100 0.23 44.98 34.28
CA GLY A 100 1.46 44.90 35.07
C GLY A 100 2.21 43.62 34.77
N VAL A 101 2.69 42.97 35.82
CA VAL A 101 3.35 41.67 35.70
C VAL A 101 2.84 40.76 36.80
N TYR A 102 3.02 39.46 36.66
CA TYR A 102 2.83 38.58 37.81
C TYR A 102 4.08 38.64 38.69
N ALA A 103 3.89 38.42 39.99
CA ALA A 103 4.96 38.68 40.96
C ALA A 103 6.07 37.62 40.93
N GLY A 104 7.31 38.08 41.02
CA GLY A 104 8.48 37.21 41.09
C GLY A 104 9.03 37.06 42.50
N ASN A 105 8.31 37.61 43.47
CA ASN A 105 8.63 37.42 44.88
C ASN A 105 7.37 37.10 45.69
N ILE A 106 7.47 36.11 46.57
CA ILE A 106 6.33 35.63 47.35
C ILE A 106 5.69 36.72 48.22
N ASN A 107 6.51 37.70 48.58
CA ASN A 107 6.10 38.77 49.48
C ASN A 107 5.00 39.62 48.84
N THR A 108 5.28 40.08 47.62
CA THR A 108 4.29 40.80 46.83
C THR A 108 3.19 39.85 46.38
N ALA A 109 3.58 38.67 45.91
CA ALA A 109 2.65 37.64 45.45
C ALA A 109 1.49 37.37 46.41
N LEU A 110 1.75 37.55 47.70
CA LEU A 110 0.74 37.29 48.71
C LEU A 110 0.49 38.52 49.58
N CYS A 111 0.35 39.68 48.95
CA CYS A 111 0.06 40.94 49.66
C CYS A 111 -1.29 40.89 50.40
N GLU A 112 -2.21 40.08 49.88
CA GLU A 112 -3.54 39.95 50.50
C GLU A 112 -3.77 38.55 51.04
N GLY A 113 -2.68 37.88 51.43
CA GLY A 113 -2.73 36.55 52.01
C GLY A 113 -2.68 35.41 50.99
N GLY A 114 -2.91 34.20 51.48
CA GLY A 114 -2.96 33.01 50.62
C GLY A 114 -1.68 32.21 50.66
N SER A 115 -1.53 31.34 49.67
CA SER A 115 -0.30 30.57 49.47
CA SER A 115 -0.33 30.53 49.47
C SER A 115 0.03 30.52 47.99
N SER A 116 1.26 30.11 47.67
CA SER A 116 1.71 30.02 46.27
C SER A 116 2.95 29.14 46.13
N THR A 117 2.93 28.30 45.10
CA THR A 117 4.03 27.37 44.80
C THR A 117 5.21 28.08 44.14
N GLY A 118 4.93 29.19 43.47
CA GLY A 118 5.95 29.94 42.72
C GLY A 118 5.25 31.00 41.87
N PRO A 119 6.02 31.77 41.09
CA PRO A 119 5.44 32.83 40.25
C PRO A 119 4.37 32.32 39.26
N HIS A 120 3.20 32.95 39.30
CA HIS A 120 2.10 32.68 38.38
C HIS A 120 1.01 33.74 38.51
N LEU A 121 0.11 33.79 37.53
CA LEU A 121 -1.11 34.60 37.64
C LEU A 121 -2.30 33.73 38.02
N HIS A 122 -3.00 34.12 39.09
CA HIS A 122 -4.29 33.53 39.45
C HIS A 122 -5.38 34.44 38.85
N PHE A 123 -6.20 33.85 37.98
CA PHE A 123 -7.10 34.61 37.10
C PHE A 123 -8.54 34.08 37.21
N SER A 124 -9.46 34.95 37.63
CA SER A 124 -10.83 34.53 37.96
C SER A 124 -11.94 35.20 37.15
N LEU A 125 -13.00 34.43 36.88
CA LEU A 125 -14.17 34.92 36.17
C LEU A 125 -15.30 35.31 37.12
N LEU A 126 -15.79 36.54 36.96
CA LEU A 126 -16.87 37.06 37.80
C LEU A 126 -18.06 37.55 36.98
N TYR A 127 -19.16 37.80 37.68
CA TYR A 127 -20.36 38.38 37.08
C TYR A 127 -21.14 39.07 38.18
N ASN A 128 -21.38 40.37 38.00
CA ASN A 128 -22.04 41.21 38.99
C ASN A 128 -21.38 41.20 40.38
N GLY A 129 -20.08 40.94 40.41
CA GLY A 129 -19.29 40.96 41.64
C GLY A 129 -19.09 39.63 42.34
N ALA A 130 -19.58 38.54 41.74
CA ALA A 130 -19.38 37.20 42.33
C ALA A 130 -18.64 36.27 41.37
N PHE A 131 -17.85 35.36 41.93
CA PHE A 131 -17.13 34.38 41.11
C PHE A 131 -18.12 33.41 40.48
N VAL A 132 -17.86 33.04 39.23
CA VAL A 132 -18.72 32.12 38.48
C VAL A 132 -17.89 31.01 37.82
N SER A 133 -18.55 29.93 37.40
CA SER A 133 -17.88 28.80 36.79
C SER A 133 -17.28 29.12 35.42
N LEU A 134 -16.04 28.66 35.20
CA LEU A 134 -15.39 28.76 33.91
C LEU A 134 -15.95 27.78 32.86
N GLN A 135 -16.84 26.88 33.28
CA GLN A 135 -17.42 25.91 32.36
C GLN A 135 -18.04 26.56 31.12
N GLY A 136 -17.57 26.16 29.95
CA GLY A 136 -18.10 26.65 28.67
C GLY A 136 -17.67 28.04 28.23
N ALA A 137 -16.91 28.75 29.07
CA ALA A 137 -16.45 30.10 28.75
C ALA A 137 -15.41 30.12 27.63
N SER A 138 -15.50 31.11 26.74
CA SER A 138 -14.53 31.30 25.67
C SER A 138 -13.48 32.36 25.99
N PHE A 139 -12.23 32.04 25.69
CA PHE A 139 -11.12 32.98 25.76
C PHE A 139 -10.42 32.86 24.43
N GLY A 140 -10.65 33.83 23.55
CA GLY A 140 -10.30 33.70 22.14
C GLY A 140 -11.12 32.58 21.53
N PRO A 141 -10.48 31.73 20.70
CA PRO A 141 -11.18 30.58 20.10
C PRO A 141 -11.45 29.45 21.10
N TYR A 142 -10.73 29.46 22.23
CA TYR A 142 -10.79 28.36 23.22
C TYR A 142 -12.05 28.38 24.07
N ARG A 143 -12.73 27.23 24.12
CA ARG A 143 -13.78 26.98 25.09
C ARG A 143 -13.21 26.09 26.18
N ILE A 144 -13.35 26.50 27.43
CA ILE A 144 -12.80 25.75 28.55
C ILE A 144 -13.80 24.74 29.12
N ASN A 145 -13.31 23.53 29.36
CA ASN A 145 -14.05 22.54 30.12
C ASN A 145 -13.39 22.37 31.48
N VAL A 146 -14.20 22.46 32.51
CA VAL A 146 -13.78 22.39 33.91
C VAL A 146 -13.64 20.94 34.39
N GLY A 147 -12.53 20.64 35.05
CA GLY A 147 -12.24 19.30 35.61
C GLY A 147 -13.12 18.93 36.79
N THR A 148 -12.83 17.78 37.41
CA THR A 148 -13.71 17.23 38.45
C THR A 148 -13.31 17.56 39.89
N SER A 149 -12.07 17.98 40.08
CA SER A 149 -11.60 18.45 41.39
C SER A 149 -10.86 19.77 41.20
N ASN A 150 -10.70 20.53 42.28
CA ASN A 150 -9.88 21.73 42.25
C ASN A 150 -8.48 21.38 41.77
N TYR A 151 -8.02 22.11 40.75
CA TYR A 151 -6.72 21.90 40.13
C TYR A 151 -6.60 20.64 39.25
N ASP A 152 -7.72 19.96 38.99
CA ASP A 152 -7.70 18.80 38.07
C ASP A 152 -7.14 19.25 36.72
N ASN A 153 -6.15 18.52 36.23
CA ASN A 153 -5.45 18.89 35.00
C ASN A 153 -5.32 17.74 34.00
N ASP A 154 -6.00 16.64 34.30
CA ASP A 154 -6.12 15.51 33.38
C ASP A 154 -6.75 16.04 32.09
N CYS A 155 -6.03 15.92 30.98
CA CYS A 155 -6.44 16.50 29.70
C CYS A 155 -7.73 15.90 29.13
N ARG A 156 -8.16 14.78 29.70
CA ARG A 156 -9.44 14.16 29.36
C ARG A 156 -10.63 14.91 30.00
N ARG A 157 -10.39 15.55 31.14
CA ARG A 157 -11.45 16.27 31.87
C ARG A 157 -11.29 17.78 31.81
N TYR A 158 -10.05 18.24 31.93
CA TYR A 158 -9.74 19.67 31.85
C TYR A 158 -9.00 19.96 30.55
N TYR A 159 -9.55 20.89 29.77
CA TYR A 159 -8.96 21.25 28.48
C TYR A 159 -9.43 22.60 27.95
N PHE A 160 -8.63 23.17 27.07
CA PHE A 160 -9.01 24.33 26.28
C PHE A 160 -9.29 23.82 24.86
N TYR A 161 -10.54 23.87 24.42
CA TYR A 161 -10.87 23.40 23.07
C TYR A 161 -10.95 24.55 22.08
N ASN A 162 -10.02 24.55 21.12
CA ASN A 162 -10.01 25.53 20.04
C ASN A 162 -11.14 25.27 19.06
N GLN A 163 -12.12 26.17 19.04
CA GLN A 163 -13.34 26.01 18.23
C GLN A 163 -13.15 26.39 16.76
N SER A 164 -11.95 26.86 16.42
CA SER A 164 -11.63 27.29 15.07
C SER A 164 -10.71 26.30 14.35
N ALA A 165 -10.06 25.43 15.12
CA ALA A 165 -9.08 24.48 14.60
C ALA A 165 -9.40 23.03 14.95
N GLY A 166 -10.31 22.85 15.91
CA GLY A 166 -10.70 21.52 16.36
C GLY A 166 -9.70 20.88 17.31
N THR A 167 -8.71 21.65 17.74
CA THR A 167 -7.61 21.17 18.59
C THR A 167 -7.93 21.24 20.08
N THR A 168 -7.42 20.25 20.81
CA THR A 168 -7.55 20.19 22.27
C THR A 168 -6.22 20.59 22.92
N HIS A 169 -6.30 21.41 23.95
CA HIS A 169 -5.11 22.00 24.57
C HIS A 169 -5.03 21.72 26.06
N CYS A 170 -3.92 21.11 26.47
CA CYS A 170 -3.79 20.58 27.82
C CYS A 170 -3.16 21.56 28.80
N ALA A 171 -3.39 21.32 30.09
CA ALA A 171 -2.69 22.03 31.14
C ALA A 171 -1.20 21.76 31.01
N PHE A 172 -0.40 22.79 31.30
CA PHE A 172 1.07 22.72 31.27
C PHE A 172 1.69 22.54 29.88
N ARG A 173 0.96 22.96 28.84
CA ARG A 173 1.51 23.16 27.50
C ARG A 173 1.35 24.63 27.10
N PRO A 174 2.24 25.14 26.22
CA PRO A 174 2.12 26.53 25.78
C PRO A 174 0.79 26.79 25.08
N LEU A 175 0.06 27.79 25.53
CA LEU A 175 -1.25 28.13 24.97
C LEU A 175 -1.18 29.46 24.24
N TYR A 176 -1.13 29.40 22.91
CA TYR A 176 -1.03 30.60 22.07
C TYR A 176 -2.27 31.47 22.20
N ASN A 177 -2.05 32.78 22.36
CA ASN A 177 -3.13 33.76 22.45
C ASN A 177 -3.27 34.56 21.16
N PRO A 178 -4.28 34.23 20.33
CA PRO A 178 -4.46 34.95 19.06
C PRO A 178 -5.21 36.28 19.22
N GLY A 179 -5.86 36.47 20.36
CA GLY A 179 -6.63 37.69 20.64
C GLY A 179 -8.10 37.38 20.85
N LEU A 180 -8.94 38.40 20.66
CA LEU A 180 -10.39 38.21 20.74
C LEU A 180 -10.90 37.44 19.54
N ALA A 181 -11.84 36.52 19.78
CA ALA A 181 -12.50 35.80 18.70
C ALA A 181 -13.58 36.69 18.09
N LEU A 182 -13.97 36.37 16.86
CA LEU A 182 -15.12 37.00 16.24
C LEU A 182 -16.29 36.02 16.35
N ALA B 1 -29.09 -15.48 17.36
CA ALA B 1 -27.65 -15.88 17.45
C ALA B 1 -27.39 -16.75 18.66
N PRO B 2 -28.21 -17.80 18.85
CA PRO B 2 -28.34 -18.59 20.08
C PRO B 2 -27.60 -18.21 21.38
N PRO B 3 -26.40 -18.75 21.69
CA PRO B 3 -26.00 -18.60 23.11
C PRO B 3 -26.41 -17.26 23.76
N SER B 4 -27.38 -17.33 24.68
CA SER B 4 -27.99 -16.16 25.30
C SER B 4 -27.03 -15.29 26.14
N ASN B 5 -25.83 -15.81 26.38
CA ASN B 5 -24.79 -15.11 27.15
C ASN B 5 -23.55 -14.76 26.31
N LEU B 6 -23.69 -14.87 24.99
CA LEU B 6 -22.58 -14.60 24.08
C LEU B 6 -22.45 -13.11 23.77
N MET B 7 -23.58 -12.48 23.47
CA MET B 7 -23.56 -11.14 22.89
C MET B 7 -24.29 -10.05 23.67
N GLN B 8 -23.72 -8.86 23.60
CA GLN B 8 -24.34 -7.64 24.07
C GLN B 8 -24.60 -6.76 22.86
N LEU B 9 -25.38 -5.69 23.06
CA LEU B 9 -25.63 -4.70 22.01
C LEU B 9 -24.32 -4.03 21.57
N PRO B 10 -24.20 -3.69 20.27
CA PRO B 10 -22.94 -3.21 19.70
C PRO B 10 -22.67 -1.71 19.94
N TRP B 11 -22.91 -1.26 21.16
CA TRP B 11 -22.38 0.01 21.65
C TRP B 11 -22.00 -0.14 23.13
N ARG B 12 -21.44 0.92 23.71
CA ARG B 12 -20.89 0.86 25.07
C ARG B 12 -21.92 0.46 26.13
N GLN B 13 -21.52 -0.48 26.98
CA GLN B 13 -22.27 -0.84 28.18
C GLN B 13 -22.44 0.39 29.07
N GLY B 14 -23.69 0.69 29.43
CA GLY B 14 -24.02 1.88 30.21
C GLY B 14 -24.69 2.95 29.39
N TYR B 15 -24.66 2.79 28.07
CA TYR B 15 -25.20 3.78 27.14
C TYR B 15 -26.34 3.23 26.29
N SER B 16 -27.11 4.12 25.68
CA SER B 16 -28.33 3.75 24.97
C SER B 16 -28.38 4.35 23.57
N TRP B 17 -28.66 3.50 22.58
CA TRP B 17 -28.98 3.98 21.23
C TRP B 17 -30.39 3.56 20.84
N GLN B 18 -30.83 4.04 19.68
CA GLN B 18 -32.16 3.74 19.16
C GLN B 18 -32.09 2.76 17.97
N PRO B 19 -32.79 1.62 18.06
CA PRO B 19 -32.77 0.64 16.97
C PRO B 19 -33.90 0.82 15.96
N ASN B 20 -33.68 0.40 14.70
CA ASN B 20 -34.74 0.34 13.71
C ASN B 20 -35.16 -1.11 13.46
N GLY B 21 -36.09 -1.32 12.53
CA GLY B 21 -36.60 -2.67 12.25
C GLY B 21 -35.58 -3.60 11.61
N ALA B 22 -35.69 -4.88 11.92
CA ALA B 22 -34.82 -5.91 11.36
C ALA B 22 -34.95 -6.01 9.85
N HIS B 23 -33.82 -6.26 9.19
CA HIS B 23 -33.77 -6.36 7.73
C HIS B 23 -32.61 -7.23 7.27
N SER B 24 -32.58 -7.55 5.97
CA SER B 24 -31.47 -8.28 5.39
C SER B 24 -30.24 -7.39 5.31
N ASN B 25 -29.08 -8.01 5.06
CA ASN B 25 -27.85 -7.27 4.88
C ASN B 25 -27.99 -6.20 3.80
N THR B 26 -28.59 -6.59 2.67
CA THR B 26 -28.89 -5.66 1.57
C THR B 26 -30.03 -4.71 1.95
N GLY B 27 -30.95 -5.22 2.77
CA GLY B 27 -32.18 -4.50 3.15
C GLY B 27 -33.36 -4.85 2.27
N SER B 28 -33.16 -5.76 1.32
CA SER B 28 -34.15 -6.03 0.28
C SER B 28 -34.83 -7.39 0.34
N GLY B 29 -34.13 -8.40 0.84
CA GLY B 29 -34.64 -9.77 0.76
C GLY B 29 -34.74 -10.51 2.08
N TYR B 30 -34.02 -11.63 2.16
CA TYR B 30 -34.12 -12.57 3.27
C TYR B 30 -32.72 -13.12 3.55
N PRO B 31 -32.43 -13.49 4.82
CA PRO B 31 -33.23 -13.37 6.04
C PRO B 31 -32.97 -12.06 6.79
N TYR B 32 -33.76 -11.78 7.83
CA TYR B 32 -33.62 -10.53 8.58
C TYR B 32 -32.49 -10.66 9.59
N SER B 33 -31.28 -10.41 9.11
CA SER B 33 -30.03 -10.66 9.81
C SER B 33 -29.50 -9.42 10.52
N SER B 34 -30.04 -8.26 10.16
CA SER B 34 -29.45 -6.98 10.55
C SER B 34 -30.46 -6.01 11.14
N PHE B 35 -29.97 -5.12 12.00
CA PHE B 35 -30.73 -3.94 12.39
C PHE B 35 -29.79 -2.75 12.48
N ASP B 36 -30.34 -1.55 12.34
CA ASP B 36 -29.54 -0.34 12.43
C ASP B 36 -29.72 0.29 13.81
N ALA B 37 -28.68 0.97 14.28
CA ALA B 37 -28.75 1.66 15.55
C ALA B 37 -27.94 2.94 15.51
N SER B 38 -28.49 4.00 16.09
CA SER B 38 -27.86 5.29 16.18
C SER B 38 -28.25 5.88 17.53
N TYR B 39 -27.38 6.70 18.11
CA TYR B 39 -27.74 7.38 19.36
C TYR B 39 -28.98 8.24 19.16
N ASP B 40 -29.00 9.02 18.08
CA ASP B 40 -30.03 10.03 17.87
C ASP B 40 -30.58 10.09 16.44
N TRP B 41 -30.03 9.28 15.54
CA TRP B 41 -30.35 9.33 14.11
C TRP B 41 -30.25 10.76 13.53
N PRO B 42 -29.03 11.31 13.44
CA PRO B 42 -28.84 12.71 13.05
C PRO B 42 -28.74 12.90 11.54
N ARG B 43 -28.55 14.15 11.10
CA ARG B 43 -28.25 14.45 9.70
C ARG B 43 -26.75 14.26 9.48
N TRP B 44 -26.32 14.15 8.22
CA TRP B 44 -24.89 14.02 7.88
C TRP B 44 -24.04 15.16 8.43
N GLY B 45 -22.82 14.83 8.84
CA GLY B 45 -21.87 15.81 9.37
C GLY B 45 -21.93 15.98 10.88
N SER B 46 -22.99 15.45 11.49
CA SER B 46 -23.21 15.55 12.93
C SER B 46 -22.28 14.64 13.73
N ALA B 47 -22.34 14.79 15.05
CA ALA B 47 -21.54 13.96 15.97
C ALA B 47 -21.99 12.50 15.93
N THR B 48 -21.02 11.60 15.92
CA THR B 48 -21.29 10.16 15.90
C THR B 48 -20.61 9.46 17.06
N TYR B 49 -21.02 8.22 17.31
CA TYR B 49 -20.71 7.57 18.57
C TYR B 49 -20.09 6.18 18.43
N SER B 50 -19.60 5.67 19.55
CA SER B 50 -18.73 4.50 19.58
C SER B 50 -19.43 3.16 19.34
N VAL B 51 -18.99 2.48 18.29
CA VAL B 51 -19.37 1.09 18.01
C VAL B 51 -18.39 0.16 18.76
N VAL B 52 -18.94 -0.83 19.45
CA VAL B 52 -18.11 -1.83 20.16
C VAL B 52 -18.47 -3.24 19.70
N ALA B 53 -17.56 -4.18 19.94
CA ALA B 53 -17.78 -5.58 19.61
C ALA B 53 -18.94 -6.15 20.43
N ALA B 54 -19.80 -6.92 19.76
CA ALA B 54 -20.97 -7.51 20.41
C ALA B 54 -20.60 -8.73 21.26
N HIS B 55 -19.47 -9.36 20.90
CA HIS B 55 -19.01 -10.60 21.54
C HIS B 55 -17.51 -10.76 21.34
N ALA B 56 -16.93 -11.68 22.11
CA ALA B 56 -15.53 -12.11 21.95
C ALA B 56 -15.28 -12.71 20.57
N GLY B 57 -14.04 -12.58 20.09
CA GLY B 57 -13.65 -13.13 18.81
C GLY B 57 -12.52 -12.40 18.11
N THR B 58 -12.27 -12.76 16.85
CA THR B 58 -11.17 -12.23 16.06
C THR B 58 -11.68 -11.17 15.07
N VAL B 59 -10.91 -10.10 14.95
CA VAL B 59 -11.25 -8.99 14.06
C VAL B 59 -10.79 -9.24 12.61
N ARG B 60 -11.64 -8.89 11.66
CA ARG B 60 -11.25 -8.66 10.29
C ARG B 60 -11.65 -7.23 9.92
N VAL B 61 -10.68 -6.42 9.53
CA VAL B 61 -10.98 -5.08 9.02
C VAL B 61 -11.15 -5.19 7.51
N LEU B 62 -12.41 -5.30 7.08
CA LEU B 62 -12.73 -5.50 5.66
C LEU B 62 -12.40 -4.28 4.79
N SER B 63 -12.65 -3.09 5.32
CA SER B 63 -12.38 -1.83 4.61
C SER B 63 -12.29 -0.63 5.56
N ARG B 64 -12.37 0.58 5.02
CA ARG B 64 -12.37 1.79 5.86
C ARG B 64 -13.71 1.99 6.58
N CYS B 65 -14.71 1.19 6.19
CA CYS B 65 -16.07 1.33 6.73
C CYS B 65 -16.75 0.02 7.16
N GLN B 66 -16.00 -1.09 7.16
CA GLN B 66 -16.58 -2.39 7.50
C GLN B 66 -15.63 -3.28 8.30
N VAL B 67 -16.19 -3.89 9.36
CA VAL B 67 -15.46 -4.75 10.29
C VAL B 67 -16.29 -6.00 10.54
N ARG B 68 -15.63 -7.12 10.82
CA ARG B 68 -16.28 -8.34 11.29
C ARG B 68 -15.61 -8.85 12.58
N VAL B 69 -16.41 -9.44 13.47
CA VAL B 69 -15.91 -10.11 14.67
C VAL B 69 -16.45 -11.54 14.65
N THR B 70 -15.55 -12.52 14.68
CA THR B 70 -15.91 -13.92 14.52
C THR B 70 -15.48 -14.76 15.72
N HIS B 71 -16.46 -15.34 16.40
CA HIS B 71 -16.22 -16.20 17.57
C HIS B 71 -15.77 -17.60 17.12
N PRO B 72 -14.97 -18.31 17.95
CA PRO B 72 -14.60 -19.70 17.61
C PRO B 72 -15.80 -20.60 17.38
N SER B 73 -16.93 -20.27 17.99
CA SER B 73 -18.16 -21.05 17.90
C SER B 73 -18.74 -21.12 16.49
N GLY B 74 -18.38 -20.14 15.66
CA GLY B 74 -18.93 -20.00 14.31
C GLY B 74 -19.77 -18.76 14.20
N TRP B 75 -20.29 -18.29 15.34
CA TRP B 75 -21.11 -17.08 15.39
C TRP B 75 -20.24 -15.87 15.11
N ALA B 76 -20.80 -14.90 14.39
CA ALA B 76 -20.06 -13.72 13.98
C ALA B 76 -20.98 -12.52 13.83
N THR B 77 -20.40 -11.34 13.99
CA THR B 77 -21.14 -10.11 13.83
C THR B 77 -20.46 -9.20 12.82
N ASN B 78 -21.27 -8.55 12.00
CA ASN B 78 -20.79 -7.63 10.99
C ASN B 78 -21.24 -6.21 11.32
N TYR B 79 -20.34 -5.27 11.04
CA TYR B 79 -20.51 -3.86 11.39
C TYR B 79 -20.24 -3.02 10.15
N TYR B 80 -21.30 -2.43 9.59
CA TYR B 80 -21.13 -1.62 8.38
C TYR B 80 -21.39 -0.14 8.67
N HIS B 81 -20.96 0.72 7.74
CA HIS B 81 -20.98 2.18 7.89
C HIS B 81 -20.01 2.69 8.97
N MET B 82 -18.90 1.96 9.17
CA MET B 82 -17.88 2.32 10.16
C MET B 82 -16.98 3.48 9.71
N ASP B 83 -16.30 4.08 10.68
CA ASP B 83 -15.24 5.07 10.42
C ASP B 83 -14.28 5.05 11.60
N GLN B 84 -13.06 5.53 11.37
CA GLN B 84 -12.04 5.68 12.42
C GLN B 84 -11.82 4.36 13.15
N ILE B 85 -11.83 3.28 12.39
CA ILE B 85 -11.60 1.94 12.92
C ILE B 85 -10.24 1.89 13.61
N GLN B 86 -10.22 1.30 14.80
CA GLN B 86 -9.02 1.33 15.65
C GLN B 86 -8.58 -0.07 16.09
N VAL B 87 -9.24 -1.08 15.53
CA VAL B 87 -8.83 -2.48 15.69
C VAL B 87 -8.08 -2.93 14.42
N SER B 88 -7.51 -4.14 14.46
CA SER B 88 -6.66 -4.62 13.36
C SER B 88 -6.97 -6.07 12.98
N ASN B 89 -6.59 -6.46 11.76
CA ASN B 89 -6.72 -7.85 11.30
C ASN B 89 -6.03 -8.83 12.25
N GLY B 90 -6.74 -9.87 12.66
CA GLY B 90 -6.20 -10.87 13.57
C GLY B 90 -6.29 -10.51 15.03
N GLN B 91 -6.83 -9.32 15.33
CA GLN B 91 -6.95 -8.87 16.71
C GLN B 91 -8.02 -9.62 17.50
N GLN B 92 -7.60 -10.20 18.62
CA GLN B 92 -8.55 -10.76 19.57
C GLN B 92 -9.17 -9.63 20.39
N VAL B 93 -10.49 -9.70 20.53
CA VAL B 93 -11.26 -8.70 21.24
C VAL B 93 -12.39 -9.40 22.02
N SER B 94 -12.97 -8.68 22.97
CA SER B 94 -14.11 -9.16 23.74
C SER B 94 -15.26 -8.20 23.57
N ALA B 95 -16.44 -8.60 24.02
CA ALA B 95 -17.58 -7.70 24.07
C ALA B 95 -17.19 -6.40 24.75
N ASP B 96 -17.72 -5.29 24.23
CA ASP B 96 -17.53 -3.94 24.78
C ASP B 96 -16.23 -3.25 24.34
N THR B 97 -15.36 -3.97 23.62
CA THR B 97 -14.13 -3.37 23.09
C THR B 97 -14.46 -2.49 21.89
N LYS B 98 -14.06 -1.22 21.94
CA LYS B 98 -14.37 -0.23 20.89
C LYS B 98 -13.81 -0.64 19.53
N LEU B 99 -14.65 -0.47 18.49
CA LEU B 99 -14.27 -0.80 17.12
C LEU B 99 -14.02 0.47 16.30
N GLY B 100 -14.64 1.57 16.73
CA GLY B 100 -14.61 2.84 16.00
C GLY B 100 -15.90 3.61 16.21
N VAL B 101 -16.19 4.55 15.31
CA VAL B 101 -17.53 5.18 15.29
C VAL B 101 -18.28 4.75 14.04
N TYR B 102 -19.58 5.01 14.00
CA TYR B 102 -20.28 4.96 12.73
C TYR B 102 -20.05 6.27 11.99
N ALA B 103 -19.88 6.19 10.68
CA ALA B 103 -19.44 7.34 9.88
C ALA B 103 -20.43 8.51 9.88
N GLY B 104 -19.91 9.71 10.13
CA GLY B 104 -20.70 10.93 10.15
C GLY B 104 -20.95 11.51 8.77
N ASN B 105 -20.31 10.91 7.78
CA ASN B 105 -20.45 11.32 6.38
C ASN B 105 -20.79 10.13 5.49
N ILE B 106 -21.56 10.38 4.44
CA ILE B 106 -22.02 9.33 3.52
C ILE B 106 -20.89 8.74 2.68
N ASN B 107 -19.85 9.55 2.44
CA ASN B 107 -18.71 9.17 1.63
C ASN B 107 -17.93 8.02 2.25
N THR B 108 -17.74 8.11 3.56
CA THR B 108 -17.14 7.01 4.33
C THR B 108 -18.15 5.90 4.61
N ALA B 109 -19.36 6.28 5.04
CA ALA B 109 -20.40 5.30 5.38
C ALA B 109 -20.67 4.27 4.27
N LEU B 110 -20.50 4.70 3.03
CA LEU B 110 -20.75 3.84 1.89
C LEU B 110 -19.48 3.60 1.07
N CYS B 111 -18.39 3.26 1.75
CA CYS B 111 -17.11 2.95 1.09
C CYS B 111 -17.18 1.67 0.25
N GLU B 112 -18.11 0.78 0.60
CA GLU B 112 -18.32 -0.44 -0.18
C GLU B 112 -19.69 -0.46 -0.87
N GLY B 113 -20.16 0.73 -1.22
CA GLY B 113 -21.22 0.93 -2.21
C GLY B 113 -22.62 0.37 -1.99
N GLY B 114 -23.39 1.05 -1.13
CA GLY B 114 -24.81 0.79 -0.93
C GLY B 114 -25.59 2.09 -0.85
N SER B 115 -26.43 2.24 0.17
CA SER B 115 -27.20 3.47 0.39
C SER B 115 -27.55 3.67 1.86
N SER B 116 -27.65 4.94 2.27
CA SER B 116 -27.97 5.28 3.66
C SER B 116 -28.93 6.46 3.76
N THR B 117 -29.66 6.53 4.88
CA THR B 117 -30.59 7.62 5.16
C THR B 117 -29.94 8.69 6.06
N GLY B 118 -28.85 8.32 6.72
CA GLY B 118 -28.16 9.18 7.67
C GLY B 118 -27.18 8.37 8.51
N PRO B 119 -26.39 9.03 9.37
CA PRO B 119 -25.39 8.34 10.20
C PRO B 119 -25.96 7.29 11.16
N HIS B 120 -25.67 6.02 10.87
CA HIS B 120 -26.10 4.89 11.72
C HIS B 120 -25.18 3.68 11.54
N LEU B 121 -25.23 2.75 12.49
CA LEU B 121 -24.54 1.47 12.32
C LEU B 121 -25.49 0.42 11.74
N HIS B 122 -25.08 -0.21 10.65
CA HIS B 122 -25.72 -1.41 10.12
C HIS B 122 -25.04 -2.63 10.78
N PHE B 123 -25.82 -3.43 11.51
CA PHE B 123 -25.25 -4.48 12.38
C PHE B 123 -25.85 -5.86 12.06
N SER B 124 -25.02 -6.77 11.59
CA SER B 124 -25.49 -8.06 11.05
C SER B 124 -25.02 -9.29 11.82
N LEU B 125 -25.90 -10.29 11.88
CA LEU B 125 -25.61 -11.56 12.52
C LEU B 125 -25.28 -12.65 11.49
N LEU B 126 -24.20 -13.38 11.75
CA LEU B 126 -23.79 -14.48 10.89
C LEU B 126 -23.44 -15.73 11.69
N TYR B 127 -23.59 -16.88 11.04
CA TYR B 127 -23.02 -18.12 11.53
C TYR B 127 -22.30 -18.79 10.38
N ASN B 128 -21.00 -19.05 10.58
CA ASN B 128 -20.13 -19.62 9.54
C ASN B 128 -20.14 -18.83 8.23
N GLY B 129 -20.13 -17.50 8.36
CA GLY B 129 -20.03 -16.60 7.21
C GLY B 129 -21.30 -16.45 6.40
N ALA B 130 -22.36 -17.11 6.84
CA ALA B 130 -23.67 -16.96 6.22
C ALA B 130 -24.54 -16.08 7.10
N PHE B 131 -25.26 -15.13 6.48
CA PHE B 131 -26.14 -14.23 7.23
C PHE B 131 -27.37 -15.00 7.71
N VAL B 132 -27.61 -14.96 9.02
CA VAL B 132 -28.71 -15.70 9.65
C VAL B 132 -29.72 -14.78 10.32
N SER B 133 -30.92 -15.29 10.56
CA SER B 133 -32.02 -14.49 11.10
C SER B 133 -31.82 -14.09 12.57
N LEU B 134 -32.17 -12.84 12.86
CA LEU B 134 -32.16 -12.30 14.22
C LEU B 134 -33.26 -12.90 15.11
N GLN B 135 -34.29 -13.49 14.50
CA GLN B 135 -35.40 -14.06 15.28
C GLN B 135 -34.87 -14.94 16.41
N GLY B 136 -35.27 -14.60 17.64
CA GLY B 136 -34.88 -15.38 18.82
C GLY B 136 -33.51 -15.04 19.40
N ALA B 137 -32.74 -14.22 18.68
CA ALA B 137 -31.40 -13.81 19.12
C ALA B 137 -31.48 -12.94 20.37
N SER B 138 -30.50 -13.13 21.25
CA SER B 138 -30.43 -12.35 22.49
C SER B 138 -29.22 -11.43 22.56
N PHE B 139 -29.46 -10.20 23.01
CA PHE B 139 -28.45 -9.20 23.22
C PHE B 139 -28.66 -8.70 24.65
N GLY B 140 -27.68 -8.96 25.51
CA GLY B 140 -27.88 -8.79 26.95
C GLY B 140 -29.13 -9.54 27.40
N PRO B 141 -30.04 -8.84 28.11
CA PRO B 141 -31.31 -9.41 28.57
C PRO B 141 -32.37 -9.44 27.46
N TYR B 142 -32.09 -8.79 26.34
CA TYR B 142 -33.06 -8.62 25.26
C TYR B 142 -33.02 -9.77 24.28
N ARG B 143 -34.21 -10.25 23.91
CA ARG B 143 -34.36 -11.20 22.81
C ARG B 143 -35.19 -10.54 21.74
N ILE B 144 -34.73 -10.64 20.50
CA ILE B 144 -35.39 -9.96 19.40
C ILE B 144 -36.47 -10.83 18.73
N ASN B 145 -37.59 -10.19 18.45
CA ASN B 145 -38.61 -10.75 17.58
C ASN B 145 -38.62 -9.88 16.35
N VAL B 146 -38.30 -10.47 15.19
CA VAL B 146 -38.21 -9.70 13.94
C VAL B 146 -39.60 -9.43 13.38
N GLY B 147 -39.69 -8.45 12.49
CA GLY B 147 -40.97 -8.10 11.86
C GLY B 147 -41.40 -9.04 10.75
N THR B 148 -42.30 -8.57 9.89
CA THR B 148 -42.87 -9.37 8.82
C THR B 148 -42.33 -8.98 7.44
N SER B 149 -41.75 -7.79 7.37
CA SER B 149 -41.09 -7.31 6.16
C SER B 149 -39.78 -6.63 6.54
N ASN B 150 -38.94 -6.34 5.55
CA ASN B 150 -37.72 -5.60 5.79
C ASN B 150 -38.01 -4.23 6.38
N TYR B 151 -37.31 -3.92 7.48
CA TYR B 151 -37.47 -2.68 8.24
C TYR B 151 -38.79 -2.57 9.03
N ASP B 152 -39.61 -3.62 9.01
CA ASP B 152 -40.85 -3.66 9.80
C ASP B 152 -40.50 -3.29 11.25
N ASN B 153 -41.09 -2.19 11.74
CA ASN B 153 -40.78 -1.67 13.07
C ASN B 153 -42.02 -1.53 13.96
N ASP B 154 -43.10 -2.18 13.54
CA ASP B 154 -44.35 -2.21 14.28
C ASP B 154 -44.17 -3.03 15.55
N CYS B 155 -44.25 -2.37 16.71
CA CYS B 155 -43.89 -2.96 18.00
C CYS B 155 -44.63 -4.25 18.38
N ARG B 156 -45.80 -4.47 17.77
CA ARG B 156 -46.52 -5.73 17.92
C ARG B 156 -45.73 -6.91 17.36
N ARG B 157 -44.93 -6.65 16.32
CA ARG B 157 -44.20 -7.70 15.60
C ARG B 157 -42.68 -7.58 15.75
N TYR B 158 -42.16 -6.35 15.75
CA TYR B 158 -40.74 -6.12 15.99
C TYR B 158 -40.50 -5.49 17.36
N TYR B 159 -39.75 -6.19 18.21
CA TYR B 159 -39.43 -5.69 19.53
C TYR B 159 -38.18 -6.35 20.11
N PHE B 160 -37.63 -5.71 21.14
CA PHE B 160 -36.64 -6.33 22.02
C PHE B 160 -37.34 -6.59 23.36
N TYR B 161 -37.32 -7.84 23.80
CA TYR B 161 -37.98 -8.18 25.06
C TYR B 161 -36.94 -8.49 26.11
N ASN B 162 -36.91 -7.65 27.14
CA ASN B 162 -36.00 -7.82 28.27
C ASN B 162 -36.50 -8.97 29.14
N GLN B 163 -35.83 -10.11 29.02
CA GLN B 163 -36.27 -11.35 29.67
C GLN B 163 -36.15 -11.35 31.19
N SER B 164 -35.34 -10.44 31.74
CA SER B 164 -35.18 -10.31 33.18
C SER B 164 -36.25 -9.41 33.82
N ALA B 165 -36.56 -8.30 33.15
CA ALA B 165 -37.48 -7.28 33.68
C ALA B 165 -38.92 -7.42 33.19
N GLY B 166 -39.10 -8.11 32.07
CA GLY B 166 -40.43 -8.32 31.49
C GLY B 166 -40.92 -7.15 30.66
N THR B 167 -40.00 -6.27 30.29
CA THR B 167 -40.32 -5.07 29.52
C THR B 167 -40.08 -5.28 28.02
N THR B 168 -40.98 -4.72 27.22
CA THR B 168 -40.90 -4.80 25.75
C THR B 168 -40.46 -3.45 25.19
N HIS B 169 -39.39 -3.47 24.41
CA HIS B 169 -38.72 -2.25 23.94
C HIS B 169 -38.86 -2.10 22.43
N CYS B 170 -39.47 -0.99 22.01
CA CYS B 170 -39.81 -0.76 20.60
C CYS B 170 -38.70 -0.02 19.86
N ALA B 171 -38.81 0.01 18.53
CA ALA B 171 -37.87 0.73 17.68
C ALA B 171 -37.87 2.24 17.94
N PHE B 172 -36.76 2.90 17.60
CA PHE B 172 -36.58 4.35 17.69
C PHE B 172 -36.69 4.93 19.11
N ARG B 173 -36.56 4.06 20.10
CA ARG B 173 -36.55 4.48 21.49
C ARG B 173 -35.24 4.01 22.11
N PRO B 174 -34.69 4.79 23.05
CA PRO B 174 -33.38 4.44 23.61
C PRO B 174 -33.39 3.05 24.23
N LEU B 175 -32.41 2.23 23.85
CA LEU B 175 -32.25 0.88 24.39
C LEU B 175 -30.99 0.81 25.23
N TYR B 176 -31.16 0.67 26.53
CA TYR B 176 -30.01 0.59 27.45
C TYR B 176 -29.25 -0.70 27.29
N ASN B 177 -27.91 -0.61 27.34
CA ASN B 177 -27.05 -1.78 27.21
C ASN B 177 -26.36 -2.13 28.53
N PRO B 178 -26.82 -3.21 29.21
CA PRO B 178 -26.25 -3.58 30.50
C PRO B 178 -25.03 -4.51 30.37
N GLY B 179 -24.66 -4.83 29.14
CA GLY B 179 -23.54 -5.74 28.88
C GLY B 179 -24.03 -7.14 28.59
N LEU B 180 -23.19 -8.12 28.91
CA LEU B 180 -23.55 -9.52 28.74
C LEU B 180 -24.34 -10.01 29.95
N ALA B 181 -25.44 -10.73 29.67
CA ALA B 181 -26.18 -11.44 30.71
C ALA B 181 -25.40 -12.68 31.10
N PRO C 2 5.54 -48.29 -29.91
CA PRO C 2 5.58 -48.69 -28.52
C PRO C 2 6.86 -49.50 -28.21
N PRO C 3 7.06 -49.92 -26.95
CA PRO C 3 6.35 -49.77 -25.68
C PRO C 3 5.94 -48.35 -25.30
N SER C 4 5.04 -48.25 -24.31
CA SER C 4 4.54 -46.98 -23.82
C SER C 4 5.60 -46.11 -23.12
N ASN C 5 6.82 -46.63 -22.99
CA ASN C 5 7.90 -45.91 -22.31
C ASN C 5 8.98 -45.36 -23.26
N LEU C 6 8.70 -45.43 -24.55
CA LEU C 6 9.71 -45.14 -25.56
C LEU C 6 9.75 -43.68 -25.99
N MET C 7 8.57 -43.08 -26.19
CA MET C 7 8.48 -41.78 -26.84
C MET C 7 7.84 -40.65 -26.02
N GLN C 8 8.17 -39.43 -26.43
CA GLN C 8 7.59 -38.21 -25.87
C GLN C 8 7.21 -37.28 -27.03
N LEU C 9 6.71 -36.11 -26.69
CA LEU C 9 6.45 -35.09 -27.71
C LEU C 9 7.78 -34.47 -28.16
N PRO C 10 7.90 -34.13 -29.45
CA PRO C 10 9.17 -33.67 -30.03
C PRO C 10 9.52 -32.21 -29.72
N TRP C 11 9.02 -31.68 -28.61
CA TRP C 11 9.49 -30.42 -28.08
C TRP C 11 10.00 -30.59 -26.65
N ARG C 12 10.62 -29.53 -26.12
CA ARG C 12 11.23 -29.56 -24.79
C ARG C 12 10.21 -29.93 -23.70
N GLN C 13 10.61 -30.84 -22.83
CA GLN C 13 9.85 -31.18 -21.63
C GLN C 13 9.65 -29.92 -20.80
N GLY C 14 8.40 -29.67 -20.39
CA GLY C 14 8.06 -28.47 -19.62
C GLY C 14 7.49 -27.35 -20.47
N TYR C 15 7.34 -27.61 -21.77
CA TYR C 15 6.82 -26.65 -22.74
C TYR C 15 5.58 -27.19 -23.47
N SER C 16 4.85 -26.30 -24.14
CA SER C 16 3.55 -26.63 -24.72
C SER C 16 3.43 -26.13 -26.16
N TRP C 17 3.32 -27.06 -27.10
CA TRP C 17 3.14 -26.70 -28.51
C TRP C 17 1.76 -27.11 -28.99
N GLN C 18 1.31 -26.47 -30.07
CA GLN C 18 0.02 -26.79 -30.69
C GLN C 18 0.18 -27.78 -31.84
N PRO C 19 -0.31 -29.03 -31.67
CA PRO C 19 -0.33 -29.93 -32.82
C PRO C 19 -1.56 -29.69 -33.71
N ASN C 20 -1.44 -30.04 -34.99
CA ASN C 20 -2.60 -30.08 -35.87
C ASN C 20 -3.06 -31.53 -36.08
N GLY C 21 -3.99 -31.74 -37.00
CA GLY C 21 -4.52 -33.09 -37.25
C GLY C 21 -3.53 -34.02 -37.93
N ALA C 22 -3.66 -35.31 -37.63
CA ALA C 22 -2.83 -36.35 -38.22
C ALA C 22 -3.01 -36.43 -39.73
N HIS C 23 -1.94 -36.79 -40.42
CA HIS C 23 -1.91 -36.85 -41.88
C HIS C 23 -0.75 -37.72 -42.35
N SER C 24 -0.74 -38.04 -43.64
CA SER C 24 0.37 -38.78 -44.24
C SER C 24 1.62 -37.91 -44.33
N ASN C 25 2.77 -38.53 -44.57
CA ASN C 25 4.01 -37.80 -44.74
C ASN C 25 3.92 -36.73 -45.84
N THR C 26 3.18 -37.05 -46.90
CA THR C 26 3.03 -36.16 -48.06
C THR C 26 1.72 -35.38 -48.06
N GLY C 27 0.85 -35.67 -47.09
CA GLY C 27 -0.41 -34.94 -46.94
C GLY C 27 -1.59 -35.43 -47.76
N SER C 28 -1.40 -36.51 -48.53
CA SER C 28 -2.50 -37.08 -49.31
C SER C 28 -2.53 -38.61 -49.33
N GLY C 29 -1.43 -39.23 -48.92
CA GLY C 29 -1.35 -40.67 -48.92
C GLY C 29 -1.98 -41.33 -47.70
N TYR C 30 -1.71 -42.62 -47.57
CA TYR C 30 -2.02 -43.38 -46.37
C TYR C 30 -0.79 -44.24 -46.12
N PRO C 31 -0.41 -44.48 -44.85
CA PRO C 31 -1.05 -44.16 -43.56
C PRO C 31 -0.77 -42.75 -43.01
N TYR C 32 -1.59 -42.31 -42.07
CA TYR C 32 -1.41 -41.04 -41.39
C TYR C 32 -0.33 -41.17 -40.30
N SER C 33 0.92 -41.11 -40.76
CA SER C 33 2.10 -41.32 -39.94
C SER C 33 2.58 -40.05 -39.25
N SER C 34 1.93 -38.92 -39.57
CA SER C 34 2.48 -37.61 -39.25
C SER C 34 1.52 -36.67 -38.53
N PHE C 35 2.07 -35.83 -37.67
CA PHE C 35 1.37 -34.66 -37.18
C PHE C 35 2.32 -33.47 -37.11
N ASP C 36 1.79 -32.28 -37.31
CA ASP C 36 2.60 -31.08 -37.29
C ASP C 36 2.57 -30.44 -35.90
N ALA C 37 3.55 -29.60 -35.62
CA ALA C 37 3.60 -28.87 -34.35
C ALA C 37 4.23 -27.50 -34.51
N SER C 38 3.62 -26.52 -33.84
CA SER C 38 4.12 -25.16 -33.79
C SER C 38 3.65 -24.51 -32.49
N TYR C 39 4.54 -23.80 -31.83
CA TYR C 39 4.21 -23.12 -30.58
C TYR C 39 3.05 -22.15 -30.78
N ASP C 40 3.18 -21.27 -31.77
CA ASP C 40 2.22 -20.19 -32.00
C ASP C 40 1.55 -20.19 -33.39
N TRP C 41 1.94 -21.14 -34.26
CA TRP C 41 1.51 -21.16 -35.66
C TRP C 41 1.55 -19.77 -36.35
N PRO C 42 2.72 -19.10 -36.32
CA PRO C 42 2.84 -17.72 -36.77
C PRO C 42 3.11 -17.59 -38.27
N ARG C 43 3.33 -16.37 -38.73
CA ARG C 43 3.75 -16.11 -40.10
C ARG C 43 5.25 -16.35 -40.25
N TRP C 44 5.70 -16.58 -41.48
CA TRP C 44 7.14 -16.62 -41.78
C TRP C 44 7.83 -15.35 -41.27
N GLY C 45 9.07 -15.50 -40.82
CA GLY C 45 9.84 -14.37 -40.30
C GLY C 45 9.71 -14.22 -38.79
N SER C 46 8.98 -15.13 -38.16
CA SER C 46 8.87 -15.18 -36.71
C SER C 46 9.92 -16.10 -36.11
N ALA C 47 10.31 -15.82 -34.87
CA ALA C 47 11.20 -16.71 -34.13
C ALA C 47 10.55 -18.08 -34.01
N THR C 48 11.37 -19.12 -34.06
CA THR C 48 10.89 -20.48 -33.89
C THR C 48 11.52 -21.10 -32.65
N TYR C 49 11.10 -22.33 -32.32
CA TYR C 49 11.47 -22.92 -31.05
C TYR C 49 12.04 -24.33 -31.18
N SER C 50 12.62 -24.80 -30.07
CA SER C 50 13.49 -25.98 -30.06
C SER C 50 12.77 -27.31 -30.26
N VAL C 51 13.09 -27.97 -31.39
CA VAL C 51 12.66 -29.34 -31.65
C VAL C 51 13.63 -30.32 -30.95
N VAL C 52 13.07 -31.34 -30.30
CA VAL C 52 13.89 -32.32 -29.57
C VAL C 52 13.59 -33.75 -30.03
N ALA C 53 14.53 -34.66 -29.78
CA ALA C 53 14.33 -36.07 -30.07
C ALA C 53 13.18 -36.61 -29.21
N ALA C 54 12.26 -37.31 -29.85
CA ALA C 54 11.09 -37.86 -29.17
C ALA C 54 11.45 -39.11 -28.38
N HIS C 55 12.62 -39.67 -28.68
CA HIS C 55 13.09 -40.92 -28.09
C HIS C 55 14.60 -41.04 -28.26
N ALA C 56 15.17 -42.05 -27.62
CA ALA C 56 16.59 -42.38 -27.76
C ALA C 56 16.85 -43.08 -29.09
N GLY C 57 18.07 -42.92 -29.59
CA GLY C 57 18.48 -43.55 -30.84
C GLY C 57 19.64 -42.86 -31.51
N THR C 58 19.75 -43.08 -32.83
CA THR C 58 20.87 -42.59 -33.63
C THR C 58 20.40 -41.55 -34.65
N VAL C 59 21.19 -40.49 -34.77
CA VAL C 59 20.87 -39.37 -35.66
C VAL C 59 21.38 -39.61 -37.08
N ARG C 60 20.52 -39.31 -38.05
CA ARG C 60 20.95 -39.14 -39.43
C ARG C 60 20.50 -37.76 -39.91
N VAL C 61 21.44 -36.98 -40.44
CA VAL C 61 21.14 -35.65 -40.98
C VAL C 61 20.92 -35.78 -42.50
N LEU C 62 19.66 -35.96 -42.89
CA LEU C 62 19.30 -36.16 -44.31
C LEU C 62 19.64 -34.91 -45.13
N SER C 63 19.33 -33.75 -44.56
CA SER C 63 19.62 -32.45 -45.16
C SER C 63 19.61 -31.39 -44.06
N ARG C 64 19.91 -30.15 -44.40
CA ARG C 64 19.87 -29.06 -43.42
C ARG C 64 18.46 -28.82 -42.85
N CYS C 65 17.45 -29.41 -43.49
CA CYS C 65 16.06 -29.27 -43.05
C CYS C 65 15.39 -30.60 -42.64
N GLN C 66 16.18 -31.66 -42.53
CA GLN C 66 15.62 -32.98 -42.19
C GLN C 66 16.55 -33.83 -41.33
N VAL C 67 15.98 -34.42 -40.27
CA VAL C 67 16.69 -35.30 -39.33
C VAL C 67 15.85 -36.54 -39.07
N ARG C 68 16.52 -37.70 -39.00
CA ARG C 68 15.90 -38.96 -38.63
C ARG C 68 16.61 -39.58 -37.41
N VAL C 69 15.83 -39.95 -36.40
CA VAL C 69 16.35 -40.60 -35.20
C VAL C 69 15.82 -42.05 -35.12
N THR C 70 16.74 -43.03 -35.08
CA THR C 70 16.38 -44.45 -35.16
C THR C 70 16.78 -45.23 -33.90
N HIS C 71 15.79 -45.84 -33.26
CA HIS C 71 16.00 -46.70 -32.09
C HIS C 71 16.41 -48.11 -32.55
N PRO C 72 17.29 -48.79 -31.79
CA PRO C 72 17.79 -50.12 -32.18
C PRO C 72 16.74 -51.20 -32.42
N SER C 73 15.53 -51.04 -31.88
CA SER C 73 14.47 -52.02 -32.13
C SER C 73 13.73 -51.78 -33.45
N GLY C 74 14.14 -50.75 -34.19
CA GLY C 74 13.57 -50.48 -35.52
C GLY C 74 12.66 -49.25 -35.56
N TRP C 75 12.07 -48.91 -34.41
CA TRP C 75 11.25 -47.71 -34.31
C TRP C 75 12.09 -46.47 -34.58
N ALA C 76 11.49 -45.47 -35.24
CA ALA C 76 12.20 -44.27 -35.65
C ALA C 76 11.24 -43.10 -35.81
N THR C 77 11.80 -41.90 -35.84
CA THR C 77 11.02 -40.68 -36.06
C THR C 77 11.74 -39.72 -37.01
N ASN C 78 10.96 -39.03 -37.83
CA ASN C 78 11.47 -38.08 -38.81
C ASN C 78 11.04 -36.65 -38.48
N TYR C 79 11.89 -35.69 -38.83
CA TYR C 79 11.70 -34.29 -38.44
C TYR C 79 11.96 -33.39 -39.64
N TYR C 80 10.87 -32.94 -40.27
CA TYR C 80 11.00 -32.12 -41.47
C TYR C 80 10.60 -30.68 -41.21
N HIS C 81 11.06 -29.78 -42.08
CA HIS C 81 11.03 -28.34 -41.86
C HIS C 81 11.94 -27.94 -40.69
N MET C 82 13.11 -28.58 -40.62
CA MET C 82 14.14 -28.27 -39.62
C MET C 82 15.03 -27.10 -40.05
N ASP C 83 15.80 -26.59 -39.11
CA ASP C 83 16.74 -25.49 -39.35
C ASP C 83 17.75 -25.48 -38.21
N GLN C 84 18.94 -24.92 -38.47
CA GLN C 84 20.02 -24.85 -37.49
C GLN C 84 20.19 -26.18 -36.76
N ILE C 85 20.46 -27.23 -37.53
CA ILE C 85 20.61 -28.59 -36.98
C ILE C 85 21.87 -28.66 -36.12
N GLN C 86 21.68 -29.10 -34.87
CA GLN C 86 22.76 -29.11 -33.89
C GLN C 86 23.16 -30.52 -33.44
N VAL C 87 22.81 -31.50 -34.27
CA VAL C 87 23.26 -32.89 -34.07
C VAL C 87 24.08 -33.34 -35.28
N SER C 88 24.77 -34.47 -35.16
CA SER C 88 25.63 -34.99 -36.22
C SER C 88 25.16 -36.36 -36.71
N ASN C 89 25.57 -36.74 -37.93
CA ASN C 89 25.41 -38.10 -38.42
C ASN C 89 26.06 -39.11 -37.46
N GLY C 90 25.39 -40.24 -37.24
CA GLY C 90 25.91 -41.30 -36.39
C GLY C 90 25.86 -41.01 -34.89
N GLN C 91 25.35 -39.85 -34.52
CA GLN C 91 25.30 -39.45 -33.12
C GLN C 91 24.21 -40.17 -32.32
N GLN C 92 24.57 -40.58 -31.11
CA GLN C 92 23.61 -41.16 -30.19
C GLN C 92 22.99 -40.08 -29.29
N VAL C 93 21.66 -40.07 -29.22
CA VAL C 93 20.92 -39.09 -28.44
C VAL C 93 19.87 -39.77 -27.56
N SER C 94 19.24 -38.99 -26.68
CA SER C 94 18.14 -39.48 -25.86
C SER C 94 16.89 -38.65 -26.10
N ALA C 95 15.78 -39.06 -25.51
CA ALA C 95 14.59 -38.23 -25.47
C ALA C 95 14.94 -36.87 -24.89
N ASP C 96 14.41 -35.82 -25.51
CA ASP C 96 14.60 -34.42 -25.10
C ASP C 96 15.92 -33.80 -25.57
N THR C 97 16.72 -34.55 -26.31
CA THR C 97 17.94 -33.99 -26.92
C THR C 97 17.53 -33.03 -28.02
N LYS C 98 17.90 -31.76 -27.90
CA LYS C 98 17.58 -30.77 -28.94
C LYS C 98 18.28 -31.16 -30.23
N LEU C 99 17.50 -31.24 -31.31
CA LEU C 99 18.05 -31.59 -32.62
C LEU C 99 18.33 -30.31 -33.39
N GLY C 100 17.51 -29.29 -33.13
CA GLY C 100 17.58 -28.03 -33.84
C GLY C 100 16.33 -27.23 -33.56
N VAL C 101 15.91 -26.45 -34.54
CA VAL C 101 14.66 -25.68 -34.44
C VAL C 101 13.81 -25.98 -35.67
N TYR C 102 12.52 -25.70 -35.61
CA TYR C 102 11.72 -25.69 -36.84
C TYR C 102 11.96 -24.39 -37.59
N ALA C 103 11.84 -24.44 -38.91
CA ALA C 103 12.28 -23.35 -39.79
C ALA C 103 11.41 -22.09 -39.71
N GLY C 104 12.05 -20.93 -39.75
CA GLY C 104 11.36 -19.64 -39.72
C GLY C 104 11.26 -18.99 -41.09
N ASN C 105 11.98 -19.55 -42.06
CA ASN C 105 11.91 -19.12 -43.45
C ASN C 105 11.55 -20.28 -44.38
N ILE C 106 10.87 -19.95 -45.47
CA ILE C 106 10.24 -20.95 -46.35
C ILE C 106 11.21 -21.79 -47.19
N ASN C 107 12.33 -21.21 -47.59
CA ASN C 107 13.32 -21.94 -48.39
C ASN C 107 13.90 -23.12 -47.62
N THR C 108 14.30 -22.87 -46.38
CA THR C 108 14.84 -23.92 -45.51
C THR C 108 13.73 -24.89 -45.12
N ALA C 109 12.54 -24.37 -44.85
CA ALA C 109 11.38 -25.21 -44.58
C ALA C 109 11.18 -26.28 -45.64
N LEU C 110 11.30 -25.87 -46.90
CA LEU C 110 11.00 -26.74 -48.03
C LEU C 110 12.26 -27.10 -48.81
N CYS C 111 13.40 -27.04 -48.11
CA CYS C 111 14.73 -27.25 -48.71
C CYS C 111 14.88 -28.56 -49.49
N GLU C 112 13.94 -29.50 -49.30
CA GLU C 112 13.89 -30.69 -50.13
C GLU C 112 12.63 -30.78 -51.00
N GLY C 113 11.56 -30.11 -50.56
CA GLY C 113 10.30 -30.13 -51.30
C GLY C 113 9.05 -30.07 -50.42
N GLY C 114 7.88 -30.08 -51.05
CA GLY C 114 6.60 -30.05 -50.35
C GLY C 114 5.96 -28.67 -50.24
N SER C 115 5.03 -28.57 -49.28
CA SER C 115 4.23 -27.36 -49.09
C SER C 115 4.24 -26.96 -47.62
N SER C 116 4.15 -25.67 -47.33
CA SER C 116 4.04 -25.19 -45.94
C SER C 116 3.21 -23.91 -45.81
N THR C 117 2.38 -23.88 -44.77
CA THR C 117 1.47 -22.76 -44.49
C THR C 117 2.16 -21.65 -43.69
N GLY C 118 3.22 -22.03 -42.98
CA GLY C 118 3.98 -21.15 -42.09
C GLY C 118 4.86 -22.01 -41.22
N PRO C 119 5.68 -21.40 -40.34
CA PRO C 119 6.58 -22.14 -39.46
C PRO C 119 5.92 -23.27 -38.65
N HIS C 120 6.44 -24.48 -38.81
CA HIS C 120 6.04 -25.65 -37.99
C HIS C 120 7.05 -26.79 -38.14
N LEU C 121 7.10 -27.68 -37.17
CA LEU C 121 7.74 -28.98 -37.35
C LEU C 121 6.73 -29.91 -38.00
N HIS C 122 7.20 -30.71 -38.96
CA HIS C 122 6.44 -31.83 -39.52
C HIS C 122 7.01 -33.14 -38.95
N PHE C 123 6.29 -33.75 -38.01
CA PHE C 123 6.78 -34.91 -37.25
C PHE C 123 6.16 -36.21 -37.78
N SER C 124 6.91 -37.31 -37.73
CA SER C 124 6.46 -38.61 -38.25
C SER C 124 7.05 -39.82 -37.52
N LEU C 125 6.29 -40.91 -37.51
CA LEU C 125 6.71 -42.21 -36.96
C LEU C 125 7.06 -43.17 -38.09
N LEU C 126 8.06 -44.01 -37.85
CA LEU C 126 8.47 -45.04 -38.80
C LEU C 126 8.84 -46.33 -38.06
N TYR C 127 8.80 -47.44 -38.78
CA TYR C 127 9.20 -48.74 -38.24
C TYR C 127 9.91 -49.49 -39.36
N ASN C 128 11.15 -49.88 -39.08
CA ASN C 128 12.01 -50.58 -40.04
C ASN C 128 12.19 -49.82 -41.36
N GLY C 129 12.17 -48.49 -41.28
CA GLY C 129 12.42 -47.62 -42.43
C GLY C 129 11.17 -47.16 -43.15
N ALA C 130 10.02 -47.70 -42.76
CA ALA C 130 8.76 -47.38 -43.43
C ALA C 130 7.83 -46.56 -42.53
N PHE C 131 7.20 -45.53 -43.11
CA PHE C 131 6.22 -44.73 -42.40
C PHE C 131 5.06 -45.64 -41.97
N VAL C 132 4.55 -45.41 -40.76
CA VAL C 132 3.46 -46.22 -40.19
C VAL C 132 2.44 -45.34 -39.46
N SER C 133 1.20 -45.82 -39.39
CA SER C 133 0.11 -45.09 -38.73
C SER C 133 0.46 -44.71 -37.28
N LEU C 134 0.05 -43.51 -36.90
CA LEU C 134 0.22 -43.02 -35.53
C LEU C 134 -0.78 -43.63 -34.56
N GLN C 135 -1.83 -44.27 -35.10
CA GLN C 135 -2.92 -44.82 -34.29
C GLN C 135 -2.47 -45.67 -33.10
N GLY C 136 -2.92 -45.28 -31.90
CA GLY C 136 -2.65 -46.02 -30.68
C GLY C 136 -1.25 -45.90 -30.10
N ALA C 137 -0.44 -44.99 -30.65
CA ALA C 137 0.92 -44.79 -30.16
C ALA C 137 0.96 -43.76 -29.02
N SER C 138 1.91 -43.92 -28.11
CA SER C 138 2.04 -43.02 -26.95
C SER C 138 3.23 -42.08 -27.03
N PHE C 139 2.99 -40.81 -26.71
CA PHE C 139 4.04 -39.80 -26.57
C PHE C 139 3.94 -39.22 -25.17
N GLY C 140 4.73 -39.78 -24.25
CA GLY C 140 4.44 -39.62 -22.83
C GLY C 140 3.12 -40.32 -22.53
N PRO C 141 2.29 -39.74 -21.63
CA PRO C 141 1.00 -40.34 -21.31
C PRO C 141 -0.04 -40.20 -22.42
N TYR C 142 0.18 -39.30 -23.38
CA TYR C 142 -0.78 -38.99 -24.45
C TYR C 142 -0.85 -40.07 -25.53
N ARG C 143 -1.95 -40.82 -25.54
CA ARG C 143 -2.21 -41.76 -26.63
C ARG C 143 -2.95 -41.03 -27.74
N ILE C 144 -2.51 -41.23 -28.97
CA ILE C 144 -3.02 -40.50 -30.11
C ILE C 144 -4.09 -41.29 -30.89
N ASN C 145 -5.23 -40.64 -31.13
CA ASN C 145 -6.25 -41.18 -32.01
C ASN C 145 -6.31 -40.37 -33.30
N VAL C 146 -6.12 -41.05 -34.42
CA VAL C 146 -6.07 -40.40 -35.73
C VAL C 146 -7.48 -40.23 -36.29
N GLY C 147 -7.73 -39.08 -36.94
CA GLY C 147 -9.03 -38.80 -37.54
C GLY C 147 -9.30 -39.54 -38.84
N THR C 148 -10.34 -39.11 -39.57
CA THR C 148 -10.87 -39.85 -40.71
C THR C 148 -10.55 -39.24 -42.08
N SER C 149 -9.55 -38.35 -42.11
CA SER C 149 -9.04 -37.76 -43.35
C SER C 149 -7.72 -37.03 -43.08
N ASN C 150 -6.94 -36.80 -44.13
CA ASN C 150 -5.69 -36.05 -44.01
C ASN C 150 -5.91 -34.69 -43.36
N TYR C 151 -5.25 -34.47 -42.23
CA TYR C 151 -5.34 -33.25 -41.43
C TYR C 151 -6.69 -33.07 -40.70
N ASP C 152 -7.50 -34.12 -40.59
CA ASP C 152 -8.75 -34.03 -39.81
C ASP C 152 -8.41 -33.63 -38.37
N ASN C 153 -9.05 -32.57 -37.87
CA ASN C 153 -8.75 -32.05 -36.54
C ASN C 153 -9.98 -31.85 -35.63
N ASP C 154 -11.13 -32.33 -36.08
CA ASP C 154 -12.32 -32.35 -35.23
C ASP C 154 -12.01 -33.25 -34.03
N CYS C 155 -12.19 -32.70 -32.82
CA CYS C 155 -11.75 -33.39 -31.61
C CYS C 155 -12.66 -34.52 -31.14
N ARG C 156 -13.71 -34.76 -31.92
CA ARG C 156 -14.57 -35.93 -31.75
C ARG C 156 -13.87 -37.15 -32.37
N ARG C 157 -13.08 -36.91 -33.42
CA ARG C 157 -12.36 -37.98 -34.13
C ARG C 157 -10.87 -38.00 -33.80
N TYR C 158 -10.23 -36.84 -33.87
CA TYR C 158 -8.79 -36.70 -33.63
C TYR C 158 -8.52 -36.06 -32.26
N TYR C 159 -7.66 -36.69 -31.47
CA TYR C 159 -7.33 -36.19 -30.14
C TYR C 159 -6.12 -36.89 -29.53
N PHE C 160 -5.58 -36.29 -28.46
CA PHE C 160 -4.57 -36.88 -27.61
C PHE C 160 -5.24 -37.25 -26.28
N TYR C 161 -5.37 -38.55 -26.00
CA TYR C 161 -5.98 -38.98 -24.75
C TYR C 161 -4.90 -39.18 -23.70
N ASN C 162 -4.92 -38.32 -22.69
CA ASN C 162 -3.98 -38.39 -21.58
C ASN C 162 -4.31 -39.61 -20.72
N GLN C 163 -3.47 -40.64 -20.83
CA GLN C 163 -3.67 -41.89 -20.10
C GLN C 163 -3.52 -41.74 -18.59
N SER C 164 -2.85 -40.68 -18.15
CA SER C 164 -2.63 -40.45 -16.72
C SER C 164 -3.73 -39.59 -16.06
N ALA C 165 -4.37 -38.73 -16.84
CA ALA C 165 -5.39 -37.81 -16.31
C ALA C 165 -6.83 -38.14 -16.71
N GLY C 166 -6.99 -38.96 -17.76
CA GLY C 166 -8.31 -39.27 -18.30
C GLY C 166 -8.86 -38.12 -19.13
N THR C 167 -7.99 -37.16 -19.43
CA THR C 167 -8.36 -35.93 -20.12
C THR C 167 -8.13 -36.02 -21.63
N THR C 168 -9.02 -35.38 -22.39
CA THR C 168 -8.93 -35.31 -23.84
C THR C 168 -8.28 -33.99 -24.27
N HIS C 169 -7.32 -34.10 -25.19
CA HIS C 169 -6.55 -32.94 -25.66
C HIS C 169 -6.68 -32.83 -27.18
N CYS C 170 -6.85 -31.60 -27.66
CA CYS C 170 -7.26 -31.37 -29.04
C CYS C 170 -6.24 -30.63 -29.88
N ALA C 171 -6.38 -30.74 -31.20
CA ALA C 171 -5.63 -29.93 -32.14
C ALA C 171 -5.87 -28.45 -31.88
N PHE C 172 -4.84 -27.64 -32.18
CA PHE C 172 -4.86 -26.19 -31.99
C PHE C 172 -5.21 -25.73 -30.55
N ARG C 173 -4.73 -26.50 -29.58
CA ARG C 173 -4.65 -26.09 -28.18
C ARG C 173 -3.25 -26.44 -27.68
N PRO C 174 -2.67 -25.60 -26.81
CA PRO C 174 -1.33 -25.89 -26.28
C PRO C 174 -1.27 -27.25 -25.60
N LEU C 175 -0.31 -28.08 -26.00
CA LEU C 175 -0.17 -29.44 -25.47
C LEU C 175 1.11 -29.58 -24.65
N TYR C 176 0.95 -29.61 -23.33
CA TYR C 176 2.08 -29.66 -22.41
C TYR C 176 2.84 -30.99 -22.51
N ASN C 177 4.16 -30.90 -22.57
CA ASN C 177 5.03 -32.08 -22.63
C ASN C 177 5.65 -32.43 -21.27
N PRO C 178 5.21 -33.54 -20.65
CA PRO C 178 5.78 -33.97 -19.36
C PRO C 178 6.99 -34.91 -19.53
N GLY C 179 7.29 -35.30 -20.76
CA GLY C 179 8.41 -36.20 -21.05
C GLY C 179 7.96 -37.64 -21.24
N LEU C 180 8.88 -38.57 -21.01
CA LEU C 180 8.57 -39.99 -21.12
C LEU C 180 7.57 -40.45 -20.07
N ALA C 181 6.71 -41.39 -20.45
CA ALA C 181 5.71 -41.94 -19.54
C ALA C 181 6.25 -43.10 -18.74
N LEU C 182 5.39 -43.60 -17.84
CA LEU C 182 5.56 -44.83 -17.06
C LEU C 182 6.24 -44.62 -15.72
N PRO D 2 11.27 3.71 -21.03
CA PRO D 2 10.74 3.55 -22.37
C PRO D 2 11.54 4.20 -23.51
N PRO D 3 11.30 5.49 -23.83
CA PRO D 3 11.63 5.96 -25.19
C PRO D 3 12.99 5.52 -25.72
N SER D 4 12.98 4.85 -26.87
CA SER D 4 14.16 4.23 -27.45
C SER D 4 15.25 5.22 -27.91
N ASN D 5 14.91 6.50 -27.93
CA ASN D 5 15.80 7.53 -28.43
C ASN D 5 16.35 8.46 -27.34
N LEU D 6 16.16 8.05 -26.08
CA LEU D 6 16.46 8.91 -24.92
C LEU D 6 17.89 8.76 -24.40
N MET D 7 18.31 7.51 -24.20
CA MET D 7 19.51 7.22 -23.44
C MET D 7 20.64 6.59 -24.25
N GLN D 8 21.85 6.76 -23.72
CA GLN D 8 23.04 6.09 -24.22
C GLN D 8 23.82 5.56 -23.01
N LEU D 9 24.86 4.77 -23.27
CA LEU D 9 25.76 4.33 -22.22
C LEU D 9 26.48 5.55 -21.62
N PRO D 10 26.71 5.53 -20.28
CA PRO D 10 27.19 6.72 -19.57
C PRO D 10 28.68 7.04 -19.75
N TRP D 11 29.26 6.55 -20.86
CA TRP D 11 30.61 6.96 -21.25
C TRP D 11 30.59 7.51 -22.67
N ARG D 12 31.74 8.03 -23.10
CA ARG D 12 31.87 8.68 -24.40
C ARG D 12 31.53 7.78 -25.59
N GLN D 13 30.62 8.25 -26.42
CA GLN D 13 30.37 7.67 -27.74
C GLN D 13 31.69 7.52 -28.49
N GLY D 14 31.98 6.29 -28.94
CA GLY D 14 33.24 6.00 -29.63
C GLY D 14 34.26 5.28 -28.75
N TYR D 15 33.88 5.06 -27.49
CA TYR D 15 34.71 4.34 -26.53
C TYR D 15 33.96 3.15 -25.93
N SER D 16 34.69 2.26 -25.26
CA SER D 16 34.14 1.01 -24.73
C SER D 16 34.57 0.78 -23.29
N TRP D 17 33.60 0.61 -22.40
CA TRP D 17 33.86 0.21 -21.02
C TRP D 17 33.25 -1.14 -20.76
N GLN D 18 33.68 -1.79 -19.67
CA GLN D 18 33.16 -3.10 -19.27
C GLN D 18 32.07 -2.97 -18.19
N PRO D 19 30.82 -3.38 -18.52
CA PRO D 19 29.78 -3.39 -17.49
C PRO D 19 29.83 -4.66 -16.65
N ASN D 20 29.41 -4.57 -15.39
CA ASN D 20 29.21 -5.77 -14.57
C ASN D 20 27.71 -6.08 -14.53
N GLY D 21 27.32 -7.03 -13.69
CA GLY D 21 25.92 -7.44 -13.58
C GLY D 21 25.02 -6.43 -12.90
N ALA D 22 23.78 -6.34 -13.37
CA ALA D 22 22.78 -5.44 -12.81
C ALA D 22 22.51 -5.76 -11.34
N HIS D 23 22.15 -4.73 -10.59
CA HIS D 23 21.93 -4.85 -9.15
C HIS D 23 21.12 -3.66 -8.66
N SER D 24 20.76 -3.67 -7.39
CA SER D 24 20.02 -2.57 -6.80
C SER D 24 20.96 -1.39 -6.56
N ASN D 25 20.37 -0.27 -6.14
CA ASN D 25 21.13 0.94 -5.83
C ASN D 25 22.16 0.74 -4.72
N THR D 26 21.78 -0.03 -3.69
CA THR D 26 22.67 -0.31 -2.55
C THR D 26 23.48 -1.58 -2.73
N GLY D 27 22.92 -2.55 -3.46
CA GLY D 27 23.59 -3.84 -3.69
C GLY D 27 22.89 -5.07 -3.13
N SER D 28 21.86 -4.87 -2.31
CA SER D 28 21.10 -5.99 -1.76
C SER D 28 19.59 -5.79 -1.87
N GLY D 29 19.19 -4.60 -2.30
CA GLY D 29 17.77 -4.28 -2.39
C GLY D 29 17.10 -4.83 -3.63
N TYR D 30 16.12 -4.08 -4.11
CA TYR D 30 15.31 -4.41 -5.26
C TYR D 30 14.51 -3.12 -5.49
N PRO D 31 14.35 -2.68 -6.75
CA PRO D 31 14.66 -3.33 -8.02
C PRO D 31 16.09 -3.15 -8.53
N TYR D 32 16.48 -4.00 -9.48
CA TYR D 32 17.81 -3.93 -10.07
C TYR D 32 17.90 -2.77 -11.05
N SER D 33 18.11 -1.58 -10.48
CA SER D 33 18.09 -0.31 -11.19
C SER D 33 19.48 0.13 -11.65
N SER D 34 20.51 -0.64 -11.30
CA SER D 34 21.89 -0.18 -11.43
C SER D 34 22.82 -1.17 -12.12
N PHE D 35 23.77 -0.63 -12.89
CA PHE D 35 24.94 -1.41 -13.30
C PHE D 35 26.22 -0.58 -13.16
N ASP D 36 27.34 -1.27 -12.96
CA ASP D 36 28.61 -0.60 -12.78
C ASP D 36 29.41 -0.66 -14.08
N ALA D 37 30.29 0.32 -14.25
CA ALA D 37 31.12 0.41 -15.44
C ALA D 37 32.49 0.96 -15.13
N SER D 38 33.48 0.41 -15.80
CA SER D 38 34.86 0.82 -15.71
C SER D 38 35.50 0.43 -17.03
N TYR D 39 36.52 1.17 -17.45
CA TYR D 39 37.24 0.84 -18.68
C TYR D 39 38.06 -0.44 -18.52
N ASP D 40 38.77 -0.54 -17.40
CA ASP D 40 39.73 -1.63 -17.18
C ASP D 40 39.62 -2.31 -15.81
N TRP D 41 38.58 -1.96 -15.04
CA TRP D 41 38.42 -2.44 -13.66
C TRP D 41 39.75 -2.53 -12.90
N PRO D 42 40.41 -1.37 -12.67
CA PRO D 42 41.77 -1.38 -12.16
C PRO D 42 41.82 -1.41 -10.64
N ARG D 43 43.03 -1.47 -10.09
CA ARG D 43 43.25 -1.24 -8.66
C ARG D 43 43.16 0.26 -8.38
N TRP D 44 42.91 0.61 -7.11
CA TRP D 44 42.86 2.01 -6.69
C TRP D 44 44.15 2.76 -7.02
N GLY D 45 44.01 4.03 -7.36
CA GLY D 45 45.16 4.89 -7.66
C GLY D 45 45.46 5.03 -9.14
N SER D 46 44.98 4.08 -9.94
CA SER D 46 45.17 4.13 -11.41
C SER D 46 44.32 5.22 -12.06
N ALA D 47 44.69 5.59 -13.28
CA ALA D 47 43.98 6.63 -14.03
C ALA D 47 42.57 6.17 -14.33
N THR D 48 41.61 7.10 -14.24
CA THR D 48 40.22 6.81 -14.51
C THR D 48 39.74 7.63 -15.70
N TYR D 49 38.49 7.42 -16.09
CA TYR D 49 38.04 7.92 -17.39
C TYR D 49 36.67 8.60 -17.37
N SER D 50 36.35 9.27 -18.48
CA SER D 50 35.26 10.24 -18.53
C SER D 50 33.86 9.63 -18.43
N VAL D 51 33.12 10.06 -17.40
CA VAL D 51 31.69 9.78 -17.26
C VAL D 51 30.88 10.84 -18.03
N VAL D 52 29.86 10.40 -18.75
CA VAL D 52 29.03 11.31 -19.53
C VAL D 52 27.55 11.14 -19.20
N ALA D 53 26.80 12.23 -19.32
CA ALA D 53 25.36 12.19 -19.25
C ALA D 53 24.82 11.15 -20.21
N ALA D 54 23.93 10.28 -19.70
CA ALA D 54 23.32 9.25 -20.52
C ALA D 54 22.23 9.83 -21.42
N HIS D 55 21.63 10.92 -20.95
CA HIS D 55 20.56 11.59 -21.67
C HIS D 55 20.54 13.08 -21.34
N ALA D 56 19.74 13.82 -22.10
CA ALA D 56 19.51 15.24 -21.87
C ALA D 56 18.70 15.50 -20.60
N GLY D 57 18.99 16.63 -19.97
CA GLY D 57 18.21 17.07 -18.83
C GLY D 57 18.97 18.03 -17.94
N THR D 58 18.55 18.11 -16.69
CA THR D 58 19.10 19.08 -15.74
C THR D 58 20.03 18.41 -14.74
N VAL D 59 21.12 19.11 -14.42
CA VAL D 59 22.14 18.60 -13.49
C VAL D 59 21.83 18.99 -12.04
N ARG D 60 21.97 18.03 -11.15
CA ARG D 60 22.10 18.34 -9.74
C ARG D 60 23.37 17.68 -9.22
N VAL D 61 24.22 18.46 -8.55
CA VAL D 61 25.43 17.93 -7.95
C VAL D 61 25.14 17.54 -6.50
N LEU D 62 24.78 16.27 -6.30
CA LEU D 62 24.39 15.76 -4.98
C LEU D 62 25.51 15.83 -3.95
N SER D 63 26.73 15.51 -4.37
CA SER D 63 27.91 15.59 -3.52
C SER D 63 29.19 15.68 -4.35
N ARG D 64 30.35 15.58 -3.70
CA ARG D 64 31.64 15.56 -4.39
C ARG D 64 31.86 14.26 -5.19
N CYS D 65 30.99 13.27 -4.97
CA CYS D 65 31.08 11.99 -5.64
C CYS D 65 29.75 11.51 -6.27
N GLN D 66 28.77 12.41 -6.35
CA GLN D 66 27.46 12.04 -6.88
C GLN D 66 26.79 13.14 -7.69
N VAL D 67 26.28 12.75 -8.87
CA VAL D 67 25.57 13.64 -9.80
C VAL D 67 24.24 12.98 -10.19
N ARG D 68 23.23 13.81 -10.40
CA ARG D 68 21.93 13.37 -10.88
C ARG D 68 21.55 14.20 -12.11
N VAL D 69 21.00 13.54 -13.13
CA VAL D 69 20.52 14.22 -14.34
C VAL D 69 19.07 13.83 -14.61
N THR D 70 18.19 14.83 -14.67
CA THR D 70 16.74 14.60 -14.80
C THR D 70 16.18 15.22 -16.07
N HIS D 71 15.45 14.40 -16.84
CA HIS D 71 14.79 14.80 -18.08
C HIS D 71 13.35 15.26 -17.78
N PRO D 72 12.82 16.26 -18.52
CA PRO D 72 11.50 16.85 -18.23
C PRO D 72 10.29 15.90 -18.25
N SER D 73 10.42 14.72 -18.85
CA SER D 73 9.32 13.74 -18.83
C SER D 73 9.33 12.86 -17.57
N GLY D 74 10.32 13.07 -16.70
CA GLY D 74 10.38 12.34 -15.42
C GLY D 74 11.43 11.24 -15.35
N TRP D 75 12.06 10.93 -16.48
CA TRP D 75 13.17 9.98 -16.50
C TRP D 75 14.45 10.63 -15.98
N ALA D 76 15.25 9.87 -15.25
CA ALA D 76 16.48 10.40 -14.64
C ALA D 76 17.56 9.35 -14.46
N THR D 77 18.81 9.82 -14.38
CA THR D 77 19.93 8.93 -14.12
C THR D 77 20.83 9.49 -13.00
N ASN D 78 21.48 8.57 -12.29
CA ASN D 78 22.36 8.92 -11.17
C ASN D 78 23.74 8.31 -11.34
N TYR D 79 24.76 9.04 -10.90
CA TYR D 79 26.15 8.69 -11.16
C TYR D 79 26.95 8.74 -9.85
N TYR D 80 27.29 7.58 -9.33
CA TYR D 80 27.96 7.49 -8.02
C TYR D 80 29.40 7.02 -8.20
N HIS D 81 30.23 7.34 -7.20
CA HIS D 81 31.69 7.17 -7.26
C HIS D 81 32.34 8.14 -8.27
N MET D 82 31.74 9.32 -8.41
CA MET D 82 32.29 10.38 -9.27
C MET D 82 33.49 11.06 -8.61
N ASP D 83 34.27 11.76 -9.43
CA ASP D 83 35.34 12.64 -8.97
C ASP D 83 35.57 13.71 -10.03
N GLN D 84 36.15 14.84 -9.61
CA GLN D 84 36.39 16.00 -10.49
C GLN D 84 35.18 16.33 -11.36
N ILE D 85 34.02 16.42 -10.71
CA ILE D 85 32.77 16.79 -11.38
C ILE D 85 32.92 18.16 -12.03
N GLN D 86 32.55 18.26 -13.31
CA GLN D 86 32.75 19.50 -14.07
C GLN D 86 31.46 20.15 -14.57
N VAL D 87 30.32 19.62 -14.12
CA VAL D 87 29.03 20.25 -14.36
C VAL D 87 28.63 21.05 -13.11
N SER D 88 27.54 21.83 -13.21
CA SER D 88 27.04 22.64 -12.10
C SER D 88 25.57 22.38 -11.82
N ASN D 89 25.10 22.75 -10.63
CA ASN D 89 23.68 22.68 -10.27
C ASN D 89 22.81 23.47 -11.23
N GLY D 90 21.70 22.88 -11.66
CA GLY D 90 20.73 23.55 -12.52
C GLY D 90 21.15 23.64 -13.99
N GLN D 91 22.28 23.01 -14.32
CA GLN D 91 22.82 23.08 -15.67
C GLN D 91 22.04 22.22 -16.66
N GLN D 92 21.96 22.68 -17.89
CA GLN D 92 21.38 21.90 -18.97
C GLN D 92 22.47 21.23 -19.78
N VAL D 93 22.38 19.90 -19.85
CA VAL D 93 23.32 19.07 -20.59
C VAL D 93 22.57 18.18 -21.58
N SER D 94 23.32 17.49 -22.44
CA SER D 94 22.76 16.51 -23.36
C SER D 94 23.53 15.19 -23.24
N ALA D 95 22.99 14.13 -23.83
CA ALA D 95 23.73 12.87 -23.92
C ALA D 95 25.16 13.15 -24.37
N ASP D 96 26.12 12.43 -23.79
CA ASP D 96 27.53 12.52 -24.13
C ASP D 96 28.26 13.71 -23.49
N THR D 97 27.50 14.66 -22.94
CA THR D 97 28.08 15.79 -22.21
C THR D 97 28.81 15.24 -20.98
N LYS D 98 30.10 15.55 -20.86
CA LYS D 98 30.88 15.03 -19.74
C LYS D 98 30.40 15.58 -18.41
N LEU D 99 30.31 14.69 -17.42
CA LEU D 99 29.99 15.07 -16.04
C LEU D 99 31.25 15.12 -15.19
N GLY D 100 32.18 14.20 -15.48
CA GLY D 100 33.44 14.06 -14.74
C GLY D 100 34.10 12.72 -15.03
N VAL D 101 34.83 12.20 -14.04
CA VAL D 101 35.37 10.84 -14.13
C VAL D 101 34.83 10.01 -12.97
N TYR D 102 34.92 8.69 -13.08
CA TYR D 102 34.70 7.86 -11.91
C TYR D 102 35.96 7.89 -11.06
N ALA D 103 35.78 7.83 -9.74
CA ALA D 103 36.87 8.11 -8.79
C ALA D 103 38.02 7.10 -8.87
N GLY D 104 39.23 7.63 -8.81
CA GLY D 104 40.44 6.79 -8.79
C GLY D 104 40.83 6.31 -7.40
N ASN D 105 40.26 6.95 -6.38
CA ASN D 105 40.50 6.56 -4.99
C ASN D 105 39.22 6.39 -4.14
N ILE D 106 39.35 5.59 -3.09
CA ILE D 106 38.20 5.06 -2.36
C ILE D 106 37.41 6.09 -1.53
N ASN D 107 38.12 7.01 -0.88
CA ASN D 107 37.47 8.01 -0.04
C ASN D 107 36.53 8.87 -0.87
N THR D 108 36.96 9.19 -2.08
CA THR D 108 36.13 9.99 -3.00
C THR D 108 35.00 9.16 -3.59
N ALA D 109 35.31 7.93 -4.00
CA ALA D 109 34.30 7.02 -4.54
C ALA D 109 33.16 6.84 -3.55
N LEU D 110 33.50 6.72 -2.27
CA LEU D 110 32.54 6.46 -1.21
C LEU D 110 32.33 7.69 -0.33
N CYS D 111 32.53 8.88 -0.88
CA CYS D 111 32.43 10.13 -0.12
C CYS D 111 31.10 10.32 0.63
N GLU D 112 30.10 9.51 0.28
CA GLU D 112 28.84 9.49 1.04
C GLU D 112 28.67 8.21 1.87
N GLY D 113 28.92 7.06 1.25
CA GLY D 113 28.85 5.77 1.92
C GLY D 113 28.74 4.60 0.96
N GLY D 114 28.56 3.40 1.52
CA GLY D 114 28.47 2.19 0.74
C GLY D 114 29.80 1.47 0.70
N SER D 115 30.05 0.78 -0.40
CA SER D 115 31.20 -0.10 -0.53
C SER D 115 31.59 -0.22 -2.00
N SER D 116 32.88 -0.36 -2.25
CA SER D 116 33.41 -0.50 -3.60
C SER D 116 34.54 -1.53 -3.66
N THR D 117 34.67 -2.16 -4.83
CA THR D 117 35.69 -3.16 -5.05
C THR D 117 36.90 -2.60 -5.82
N GLY D 118 36.78 -1.36 -6.28
CA GLY D 118 37.82 -0.71 -7.10
C GLY D 118 37.18 0.32 -8.02
N PRO D 119 38.00 1.19 -8.64
CA PRO D 119 37.48 2.28 -9.49
C PRO D 119 36.44 1.86 -10.54
N HIS D 120 35.21 2.32 -10.35
CA HIS D 120 34.11 2.12 -11.30
C HIS D 120 33.04 3.20 -11.11
N LEU D 121 32.34 3.53 -12.19
CA LEU D 121 31.11 4.31 -12.10
C LEU D 121 29.98 3.39 -11.63
N HIS D 122 29.15 3.90 -10.73
CA HIS D 122 27.91 3.25 -10.32
C HIS D 122 26.74 4.00 -10.98
N PHE D 123 26.13 3.36 -11.97
CA PHE D 123 25.11 3.99 -12.82
C PHE D 123 23.73 3.42 -12.49
N SER D 124 22.72 4.28 -12.42
CA SER D 124 21.36 3.88 -12.05
C SER D 124 20.27 4.62 -12.83
N LEU D 125 19.11 3.98 -12.95
CA LEU D 125 17.93 4.57 -13.57
C LEU D 125 16.88 4.89 -12.51
N LEU D 126 16.18 6.02 -12.70
CA LEU D 126 15.04 6.37 -11.86
C LEU D 126 13.93 6.98 -12.70
N TYR D 127 12.69 6.72 -12.30
CA TYR D 127 11.55 7.45 -12.84
C TYR D 127 10.85 8.18 -11.70
N ASN D 128 10.68 9.49 -11.87
CA ASN D 128 10.14 10.38 -10.83
C ASN D 128 10.85 10.26 -9.47
N GLY D 129 12.16 10.39 -9.51
CA GLY D 129 13.00 10.30 -8.31
C GLY D 129 12.99 8.96 -7.61
N ALA D 130 12.33 7.98 -8.22
CA ALA D 130 12.24 6.62 -7.65
C ALA D 130 13.08 5.64 -8.45
N PHE D 131 13.94 4.90 -7.75
CA PHE D 131 14.80 3.91 -8.40
C PHE D 131 13.95 2.80 -9.00
N VAL D 132 14.07 2.62 -10.32
CA VAL D 132 13.26 1.64 -11.06
C VAL D 132 14.11 0.65 -11.86
N SER D 133 13.63 -0.59 -11.99
CA SER D 133 14.38 -1.68 -12.63
C SER D 133 14.87 -1.33 -14.03
N LEU D 134 16.08 -1.78 -14.34
CA LEU D 134 16.68 -1.59 -15.65
C LEU D 134 16.03 -2.43 -16.75
N GLN D 135 15.41 -3.56 -16.37
CA GLN D 135 14.85 -4.52 -17.35
C GLN D 135 14.08 -3.84 -18.48
N GLY D 136 14.39 -4.23 -19.71
CA GLY D 136 13.73 -3.67 -20.88
C GLY D 136 14.11 -2.24 -21.25
N ALA D 137 15.07 -1.66 -20.53
CA ALA D 137 15.59 -0.34 -20.88
C ALA D 137 16.66 -0.46 -21.97
N SER D 138 16.71 0.53 -22.85
CA SER D 138 17.70 0.54 -23.92
C SER D 138 18.71 1.69 -23.78
N PHE D 139 19.95 1.38 -24.12
CA PHE D 139 21.03 2.35 -24.14
C PHE D 139 21.57 2.29 -25.55
N GLY D 140 21.25 3.31 -26.34
CA GLY D 140 21.49 3.26 -27.79
C GLY D 140 20.78 2.05 -28.37
N PRO D 141 21.52 1.16 -29.05
CA PRO D 141 20.93 -0.07 -29.60
C PRO D 141 20.85 -1.24 -28.61
N TYR D 142 21.43 -1.10 -27.42
CA TYR D 142 21.53 -2.19 -26.43
C TYR D 142 20.37 -2.24 -25.43
N ARG D 143 19.47 -3.20 -25.60
CA ARG D 143 18.43 -3.43 -24.60
C ARG D 143 18.94 -4.34 -23.50
N ILE D 144 18.75 -3.91 -22.27
CA ILE D 144 19.28 -4.64 -21.10
C ILE D 144 18.33 -5.74 -20.63
N ASN D 145 18.90 -6.93 -20.42
CA ASN D 145 18.21 -8.03 -19.78
C ASN D 145 18.92 -8.30 -18.46
N VAL D 146 18.26 -7.98 -17.36
CA VAL D 146 18.80 -8.17 -16.02
C VAL D 146 18.80 -9.67 -15.67
N GLY D 147 19.67 -10.07 -14.75
CA GLY D 147 19.74 -11.46 -14.25
C GLY D 147 18.76 -11.73 -13.11
N THR D 148 19.05 -12.76 -12.32
CA THR D 148 18.12 -13.25 -11.29
C THR D 148 18.66 -13.16 -9.85
N SER D 149 19.44 -12.12 -9.58
CA SER D 149 19.98 -11.81 -8.26
C SER D 149 20.88 -10.60 -8.41
N ASN D 150 21.15 -9.91 -7.30
CA ASN D 150 22.04 -8.76 -7.33
C ASN D 150 23.42 -9.15 -7.84
N TYR D 151 23.88 -8.42 -8.87
CA TYR D 151 25.17 -8.64 -9.52
C TYR D 151 25.25 -9.90 -10.40
N ASP D 152 24.14 -10.63 -10.53
CA ASP D 152 24.06 -11.79 -11.42
C ASP D 152 24.53 -11.41 -12.83
N ASN D 153 25.64 -12.02 -13.25
CA ASN D 153 26.29 -11.65 -14.51
C ASN D 153 26.45 -12.82 -15.49
N ASP D 154 25.71 -13.90 -15.24
CA ASP D 154 25.72 -15.04 -16.15
C ASP D 154 24.93 -14.68 -17.40
N CYS D 155 25.59 -14.79 -18.56
CA CYS D 155 25.06 -14.22 -19.80
C CYS D 155 23.83 -14.91 -20.41
N ARG D 156 23.42 -16.04 -19.84
CA ARG D 156 22.15 -16.68 -20.22
C ARG D 156 20.97 -15.87 -19.66
N ARG D 157 21.25 -15.05 -18.65
CA ARG D 157 20.23 -14.24 -17.98
C ARG D 157 20.53 -12.73 -18.05
N TYR D 158 21.77 -12.34 -17.79
CA TYR D 158 22.18 -10.93 -17.86
C TYR D 158 22.98 -10.64 -19.13
N TYR D 159 22.54 -9.63 -19.88
CA TYR D 159 23.23 -9.21 -21.09
C TYR D 159 22.67 -7.91 -21.70
N PHE D 160 23.36 -7.40 -22.71
CA PHE D 160 22.88 -6.30 -23.53
C PHE D 160 22.60 -6.82 -24.94
N TYR D 161 21.35 -6.75 -25.37
CA TYR D 161 20.99 -7.19 -26.71
C TYR D 161 21.03 -6.02 -27.70
N ASN D 162 22.03 -6.05 -28.57
CA ASN D 162 22.19 -5.07 -29.64
C ASN D 162 21.08 -5.26 -30.69
N GLN D 163 20.01 -4.50 -30.54
CA GLN D 163 18.79 -4.62 -31.36
C GLN D 163 19.00 -4.43 -32.85
N SER D 164 20.00 -3.62 -33.21
CA SER D 164 20.30 -3.33 -34.61
C SER D 164 21.12 -4.45 -35.25
N ALA D 165 22.15 -4.91 -34.55
CA ALA D 165 23.06 -5.94 -35.06
C ALA D 165 22.60 -7.38 -34.76
N GLY D 166 21.65 -7.51 -33.86
CA GLY D 166 21.17 -8.83 -33.43
C GLY D 166 22.22 -9.60 -32.64
N THR D 167 23.18 -8.88 -32.06
CA THR D 167 24.28 -9.47 -31.29
C THR D 167 24.06 -9.34 -29.79
N THR D 168 24.53 -10.34 -29.03
CA THR D 168 24.36 -10.37 -27.58
C THR D 168 25.67 -10.09 -26.85
N HIS D 169 25.68 -9.05 -26.03
CA HIS D 169 26.88 -8.57 -25.36
C HIS D 169 26.83 -8.82 -23.86
N CYS D 170 27.92 -9.35 -23.31
CA CYS D 170 27.92 -9.84 -21.92
C CYS D 170 28.74 -8.98 -20.96
N ALA D 171 28.66 -9.31 -19.68
CA ALA D 171 29.43 -8.64 -18.62
C ALA D 171 30.94 -8.83 -18.82
N PHE D 172 31.71 -7.89 -18.27
CA PHE D 172 33.17 -7.93 -18.28
C PHE D 172 33.80 -8.12 -19.66
N ARG D 173 33.16 -7.50 -20.66
CA ARG D 173 33.65 -7.45 -22.03
C ARG D 173 33.44 -6.01 -22.50
N PRO D 174 34.44 -5.42 -23.19
CA PRO D 174 34.33 -4.03 -23.64
C PRO D 174 33.05 -3.80 -24.44
N LEU D 175 32.22 -2.87 -23.99
CA LEU D 175 30.94 -2.57 -24.62
C LEU D 175 31.02 -1.23 -25.35
N TYR D 176 31.03 -1.28 -26.68
CA TYR D 176 31.12 -0.09 -27.52
C TYR D 176 29.87 0.79 -27.43
N ASN D 177 30.06 2.09 -27.38
CA ASN D 177 28.96 3.06 -27.29
C ASN D 177 28.81 3.87 -28.59
N PRO D 178 27.71 3.67 -29.33
CA PRO D 178 27.47 4.48 -30.52
C PRO D 178 26.55 5.70 -30.27
N GLY D 179 26.32 6.01 -28.99
CA GLY D 179 25.44 7.13 -28.61
C GLY D 179 23.98 6.75 -28.69
N LEU D 180 23.14 7.71 -29.07
CA LEU D 180 21.70 7.47 -29.17
C LEU D 180 21.32 6.77 -30.47
N ALA D 181 20.34 5.87 -30.38
CA ALA D 181 19.73 5.28 -31.58
C ALA D 181 18.68 6.24 -32.13
ZN ZN E . -4.91 30.08 41.42
ZN ZN F . -29.10 -1.61 7.92
ZN ZN G . 2.93 -32.23 -41.82
ZN ZN H . 26.87 -0.62 -8.40
#